data_5ZC3
#
_entry.id   5ZC3
#
_cell.length_a   68.532
_cell.length_b   78.308
_cell.length_c   179.057
_cell.angle_alpha   90.00
_cell.angle_beta   90.00
_cell.angle_gamma   90.00
#
_symmetry.space_group_name_H-M   'P 21 21 21'
#
_entity_poly.entity_id   1
_entity_poly.type   'polypeptide(L)'
_entity_poly.pdbx_seq_one_letter_code
;(MSE)DTTDIKPVRPAINLQQPPFVVGRLLRTVQDEERGFTLPGAGKLADLFESTALKLAQSARINTWLVKGTSVDDAFL
KLELNTAGSRIFENPKLLTWAVYVTKVEKQNPEEIILAKLSKQFTEGSLAK(MSE)IASAKLDSKTEGLATILQAQQRQV
WVDAGKSSDEVFKLLQLDEAGTKLFKNQQFSTWTSFVDAFNRKYPEKAVSIFSKLAKTYDGFTLWK(MSE)LEAAKKVPK
TEIIASKLQAQQIDAWLDAGKSTDEVFNLLKLQRTGDKLFKNSQFLTWVSYVEKFNKKDPDQAIAIFSKLAGVYDQVTLS
S(MSE)LEAAKHVPSTKRIASYLQGQQNQHWLADGKSTDDIFKLLKLNTPSPENLIDPRLDAWTSF(MSE)RAFN(MSE)
ANEGKETTLIATLTTHYKDRGLAQLLQEGTKFASTKKIAEELQTAQFARWLQLGKTEDDIFALLKLKLTTPTTDPEAIVF
YQYKLF(MSE)DAH(MSE)KLAAA
;
_entity_poly.pdbx_strand_id   B,A
#
# COMPACT_ATOMS: atom_id res chain seq x y z
N SER A 58 -45.14 -5.93 17.49
CA SER A 58 -46.34 -6.62 17.04
C SER A 58 -47.60 -6.14 17.78
N ALA A 59 -48.31 -7.09 18.38
CA ALA A 59 -49.54 -6.83 19.14
C ALA A 59 -49.30 -6.79 20.65
N ARG A 60 -48.08 -7.14 21.06
CA ARG A 60 -47.67 -7.08 22.47
C ARG A 60 -47.91 -5.69 23.04
N ILE A 61 -47.41 -4.68 22.31
CA ILE A 61 -47.56 -3.27 22.63
C ILE A 61 -49.02 -2.92 22.85
N ASN A 62 -49.87 -3.44 21.98
CA ASN A 62 -51.29 -3.17 22.03
C ASN A 62 -51.94 -3.73 23.29
N THR A 63 -51.38 -4.81 23.82
CA THR A 63 -51.79 -5.35 25.11
C THR A 63 -51.33 -4.48 26.28
N TRP A 64 -50.04 -4.16 26.26
CA TRP A 64 -49.43 -3.34 27.31
C TRP A 64 -50.05 -1.95 27.45
N LEU A 65 -50.60 -1.42 26.35
CA LEU A 65 -51.21 -0.10 26.39
C LEU A 65 -52.55 -0.16 27.08
N VAL A 66 -53.33 -1.20 26.77
CA VAL A 66 -54.57 -1.47 27.47
C VAL A 66 -54.33 -1.62 28.96
N LYS A 67 -53.48 -2.60 29.32
CA LYS A 67 -53.16 -2.84 30.74
C LYS A 67 -52.51 -1.64 31.43
N GLY A 68 -51.52 -1.03 30.80
CA GLY A 68 -50.86 0.12 31.40
C GLY A 68 -49.49 -0.23 31.92
N THR A 69 -48.98 -1.37 31.47
CA THR A 69 -47.73 -1.95 31.96
C THR A 69 -46.55 -0.97 31.90
N SER A 70 -45.77 -0.93 32.98
CA SER A 70 -44.64 -0.02 33.08
C SER A 70 -43.60 -0.37 32.02
N VAL A 71 -42.91 0.65 31.51
CA VAL A 71 -41.83 0.43 30.56
C VAL A 71 -40.75 -0.48 31.12
N ASP A 72 -40.53 -0.39 32.43
CA ASP A 72 -39.57 -1.24 33.12
C ASP A 72 -40.02 -2.69 33.06
N ASP A 73 -41.28 -2.90 33.42
CA ASP A 73 -41.86 -4.24 33.44
C ASP A 73 -41.93 -4.82 32.04
N ALA A 74 -42.23 -3.96 31.06
CA ALA A 74 -42.27 -4.37 29.67
C ALA A 74 -40.88 -4.75 29.18
N PHE A 75 -39.86 -4.10 29.73
CA PHE A 75 -38.48 -4.42 29.42
C PHE A 75 -38.10 -5.76 30.01
N LEU A 76 -38.60 -6.02 31.21
CA LEU A 76 -38.37 -7.27 31.92
C LEU A 76 -39.13 -8.44 31.29
N LYS A 77 -40.38 -8.19 30.90
CA LYS A 77 -41.21 -9.20 30.28
C LYS A 77 -40.64 -9.69 28.94
N LEU A 78 -39.63 -8.99 28.45
CA LEU A 78 -38.99 -9.34 27.18
C LEU A 78 -37.62 -9.95 27.42
N GLU A 79 -37.28 -10.12 28.70
CA GLU A 79 -35.99 -10.69 29.14
C GLU A 79 -34.82 -9.94 28.52
N LEU A 80 -34.98 -8.63 28.35
CA LEU A 80 -33.95 -7.83 27.71
C LEU A 80 -32.88 -7.40 28.71
N ASN A 81 -33.09 -7.72 29.98
CA ASN A 81 -32.07 -7.44 30.97
C ASN A 81 -31.03 -8.55 30.99
N THR A 82 -31.32 -9.64 30.30
CA THR A 82 -30.39 -10.76 30.20
C THR A 82 -30.01 -10.99 28.74
N ALA A 83 -29.85 -9.90 28.01
CA ALA A 83 -29.48 -9.91 26.60
C ALA A 83 -28.06 -9.41 26.49
N GLY A 84 -27.21 -10.11 25.76
CA GLY A 84 -25.82 -9.70 25.67
C GLY A 84 -25.52 -8.61 24.67
N SER A 85 -24.23 -8.45 24.38
CA SER A 85 -23.73 -7.40 23.49
C SER A 85 -24.46 -7.41 22.16
N ARG A 86 -25.12 -8.52 21.88
CA ARG A 86 -25.85 -8.71 20.64
C ARG A 86 -27.29 -8.21 20.75
N ILE A 87 -27.52 -7.27 21.68
CA ILE A 87 -28.84 -6.76 22.03
C ILE A 87 -29.65 -6.19 20.86
N PHE A 88 -29.00 -5.45 19.96
CA PHE A 88 -29.72 -4.74 18.91
C PHE A 88 -30.36 -5.66 17.87
N GLU A 89 -29.75 -6.81 17.63
CA GLU A 89 -30.28 -7.81 16.72
C GLU A 89 -31.55 -8.45 17.24
N ASN A 90 -31.86 -8.19 18.50
CA ASN A 90 -33.06 -8.74 19.09
C ASN A 90 -34.27 -7.86 18.75
N PRO A 91 -35.20 -8.39 17.93
CA PRO A 91 -36.42 -7.66 17.55
C PRO A 91 -37.24 -7.20 18.76
N LYS A 92 -37.03 -7.87 19.89
CA LYS A 92 -37.74 -7.55 21.11
C LYS A 92 -37.32 -6.16 21.60
N LEU A 93 -36.10 -5.78 21.23
CA LEU A 93 -35.60 -4.46 21.59
C LEU A 93 -36.28 -3.40 20.76
N LEU A 94 -36.52 -3.69 19.49
CA LEU A 94 -37.21 -2.75 18.63
C LEU A 94 -38.65 -2.56 19.12
N THR A 95 -39.30 -3.67 19.52
CA THR A 95 -40.67 -3.58 20.00
C THR A 95 -40.76 -2.82 21.34
N TRP A 96 -39.78 -3.04 22.21
CA TRP A 96 -39.79 -2.33 23.50
C TRP A 96 -39.47 -0.86 23.30
N ALA A 97 -38.56 -0.57 22.39
CA ALA A 97 -38.15 0.80 22.11
C ALA A 97 -39.31 1.56 21.50
N VAL A 98 -40.11 0.85 20.71
CA VAL A 98 -41.34 1.40 20.17
C VAL A 98 -42.33 1.70 21.31
N TYR A 99 -42.52 0.74 22.20
CA TYR A 99 -43.40 0.94 23.35
C TYR A 99 -42.98 2.16 24.19
N VAL A 100 -41.68 2.42 24.29
CA VAL A 100 -41.19 3.53 25.09
C VAL A 100 -41.43 4.89 24.42
N THR A 101 -41.24 4.96 23.10
CA THR A 101 -41.53 6.18 22.36
C THR A 101 -42.98 6.65 22.56
N LYS A 102 -43.88 5.70 22.79
CA LYS A 102 -45.31 5.96 22.88
C LYS A 102 -45.77 6.47 24.25
N VAL A 103 -44.82 6.67 25.16
CA VAL A 103 -45.11 7.27 26.46
C VAL A 103 -44.15 8.43 26.76
N PRO A 108 -38.36 10.15 26.83
CA PRO A 108 -38.31 9.49 25.52
C PRO A 108 -36.97 8.79 25.22
N GLU A 109 -36.24 9.32 24.24
CA GLU A 109 -34.93 8.78 23.85
C GLU A 109 -33.95 8.68 25.02
N GLU A 110 -34.14 9.55 26.01
CA GLU A 110 -33.27 9.61 27.18
C GLU A 110 -33.38 8.30 27.97
N ILE A 111 -34.59 7.75 27.98
CA ILE A 111 -34.89 6.59 28.83
C ILE A 111 -34.28 5.31 28.27
N ILE A 112 -34.48 5.08 26.98
CA ILE A 112 -33.89 3.93 26.29
C ILE A 112 -32.40 3.89 26.57
N LEU A 113 -31.74 5.02 26.32
CA LEU A 113 -30.31 5.10 26.52
C LEU A 113 -29.91 4.91 27.98
N ALA A 114 -30.73 5.39 28.92
CA ALA A 114 -30.39 5.21 30.32
C ALA A 114 -30.38 3.73 30.69
N LYS A 115 -31.45 3.04 30.29
CA LYS A 115 -31.64 1.64 30.64
C LYS A 115 -30.53 0.82 30.00
N LEU A 116 -30.18 1.17 28.76
CA LEU A 116 -29.11 0.47 28.07
C LEU A 116 -27.76 0.79 28.72
N SER A 117 -27.64 2.00 29.27
CA SER A 117 -26.44 2.45 29.95
C SER A 117 -26.24 1.83 31.33
N LYS A 118 -27.24 1.11 31.85
CA LYS A 118 -27.02 0.42 33.13
C LYS A 118 -26.72 -1.06 32.89
N GLN A 119 -26.66 -1.47 31.61
CA GLN A 119 -26.45 -2.86 31.25
C GLN A 119 -25.24 -2.99 30.32
N PHE A 120 -24.81 -1.87 29.75
CA PHE A 120 -23.64 -1.85 28.88
C PHE A 120 -22.75 -0.65 29.18
N THR A 121 -21.43 -0.86 29.21
CA THR A 121 -20.50 0.25 29.45
C THR A 121 -20.56 1.22 28.27
N GLU A 122 -20.38 2.51 28.56
CA GLU A 122 -20.54 3.57 27.56
C GLU A 122 -19.76 3.30 26.29
N GLY A 123 -18.49 2.91 26.46
CA GLY A 123 -17.63 2.60 25.34
C GLY A 123 -18.18 1.45 24.51
N SER A 124 -18.65 0.40 25.17
CA SER A 124 -19.15 -0.77 24.47
C SER A 124 -20.46 -0.45 23.74
N LEU A 125 -21.32 0.30 24.44
CA LEU A 125 -22.59 0.73 23.91
C LEU A 125 -22.38 1.53 22.63
N ALA A 126 -21.40 2.43 22.67
CA ALA A 126 -20.99 3.20 21.49
C ALA A 126 -20.81 2.30 20.26
N LYS A 127 -19.93 1.30 20.36
CA LYS A 127 -19.69 0.37 19.26
C LYS A 127 -20.97 -0.30 18.80
N ILE A 129 -24.10 0.59 19.00
CA ILE A 129 -24.91 1.55 18.27
C ILE A 129 -24.34 1.83 16.87
N ALA A 130 -23.02 2.05 16.82
CA ALA A 130 -22.32 2.30 15.57
C ALA A 130 -22.62 1.19 14.54
N SER A 131 -22.44 -0.06 14.94
CA SER A 131 -22.70 -1.16 14.04
C SER A 131 -24.21 -1.37 13.86
N ALA A 132 -24.99 -0.79 14.75
CA ALA A 132 -26.45 -0.89 14.66
C ALA A 132 -26.99 0.00 13.55
N LYS A 133 -26.27 1.08 13.24
CA LYS A 133 -26.64 1.92 12.10
C LYS A 133 -26.50 1.17 10.77
N LEU A 134 -25.67 0.14 10.77
CA LEU A 134 -25.36 -0.62 9.55
C LEU A 134 -26.49 -1.54 9.13
N ASP A 135 -27.35 -1.92 10.07
CA ASP A 135 -28.43 -2.82 9.72
C ASP A 135 -29.64 -1.97 9.34
N SER A 136 -30.20 -2.27 8.16
CA SER A 136 -31.30 -1.51 7.59
C SER A 136 -32.52 -1.46 8.51
N LYS A 137 -32.63 -2.44 9.38
CA LYS A 137 -33.80 -2.63 10.22
C LYS A 137 -33.72 -1.81 11.51
N THR A 138 -32.51 -1.40 11.89
CA THR A 138 -32.37 -0.57 13.09
C THR A 138 -31.66 0.76 12.83
N GLU A 139 -31.83 1.31 11.62
CA GLU A 139 -31.06 2.49 11.23
C GLU A 139 -31.53 3.66 12.05
N GLY A 140 -32.85 3.84 12.10
CA GLY A 140 -33.42 4.90 12.90
C GLY A 140 -32.98 4.92 14.35
N LEU A 141 -33.29 3.85 15.09
CA LEU A 141 -33.02 3.76 16.52
C LEU A 141 -31.59 4.11 16.90
N ALA A 142 -30.64 3.50 16.18
CA ALA A 142 -29.22 3.69 16.44
C ALA A 142 -28.86 5.17 16.35
N THR A 143 -29.45 5.88 15.39
CA THR A 143 -29.14 7.29 15.19
C THR A 143 -29.61 8.12 16.38
N ILE A 144 -30.87 7.96 16.75
CA ILE A 144 -31.45 8.67 17.90
C ILE A 144 -30.63 8.42 19.17
N LEU A 145 -30.22 7.17 19.36
CA LEU A 145 -29.39 6.82 20.53
C LEU A 145 -28.01 7.47 20.47
N GLN A 146 -27.40 7.51 19.28
CA GLN A 146 -26.09 8.12 19.10
C GLN A 146 -26.15 9.62 19.39
N ALA A 147 -27.30 10.21 19.07
CA ALA A 147 -27.53 11.63 19.32
C ALA A 147 -27.70 11.88 20.82
N GLN A 148 -28.47 11.01 21.49
CA GLN A 148 -28.66 11.16 22.93
C GLN A 148 -27.34 10.99 23.68
N GLN A 149 -26.56 9.98 23.26
CA GLN A 149 -25.25 9.70 23.86
C GLN A 149 -24.32 10.88 23.70
N ARG A 150 -24.31 11.42 22.48
CA ARG A 150 -23.53 12.61 22.18
C ARG A 150 -23.95 13.77 23.10
N GLN A 151 -25.24 14.00 23.20
CA GLN A 151 -25.77 15.06 24.05
C GLN A 151 -25.29 14.89 25.50
N VAL A 152 -25.32 13.65 25.98
CA VAL A 152 -24.88 13.36 27.33
C VAL A 152 -23.40 13.66 27.54
N TRP A 153 -22.56 13.18 26.62
CA TRP A 153 -21.11 13.45 26.69
C TRP A 153 -20.82 14.94 26.68
N VAL A 154 -21.56 15.67 25.84
CA VAL A 154 -21.41 17.10 25.74
C VAL A 154 -21.75 17.78 27.06
N ASP A 155 -22.95 17.50 27.57
CA ASP A 155 -23.38 18.03 28.86
C ASP A 155 -22.45 17.64 30.01
N ALA A 156 -22.05 16.37 30.06
CA ALA A 156 -21.09 15.89 31.06
C ALA A 156 -19.73 16.57 30.88
N GLY A 157 -19.57 17.28 29.78
CA GLY A 157 -18.39 18.09 29.53
C GLY A 157 -17.18 17.32 29.03
N LYS A 158 -17.39 16.06 28.64
CA LYS A 158 -16.29 15.22 28.17
C LYS A 158 -15.45 15.90 27.10
N SER A 159 -14.14 15.86 27.29
CA SER A 159 -13.20 16.34 26.28
C SER A 159 -13.26 15.52 25.01
N SER A 160 -12.74 16.09 23.93
CA SER A 160 -12.66 15.36 22.67
C SER A 160 -11.59 14.28 22.79
N ASP A 161 -10.55 14.57 23.56
CA ASP A 161 -9.49 13.60 23.80
C ASP A 161 -10.03 12.37 24.51
N GLU A 162 -10.96 12.61 25.45
CA GLU A 162 -11.53 11.54 26.27
C GLU A 162 -12.56 10.71 25.51
N VAL A 163 -13.32 11.34 24.62
CA VAL A 163 -14.25 10.61 23.78
C VAL A 163 -13.44 9.77 22.80
N PHE A 164 -12.31 10.32 22.40
CA PHE A 164 -11.37 9.64 21.53
C PHE A 164 -10.90 8.35 22.23
N LYS A 165 -10.48 8.46 23.49
CA LYS A 165 -10.19 7.27 24.30
C LYS A 165 -11.38 6.30 24.43
N LEU A 166 -12.53 6.87 24.76
CA LEU A 166 -13.78 6.12 24.91
C LEU A 166 -14.03 5.17 23.77
N LEU A 167 -13.84 5.68 22.56
CA LEU A 167 -14.13 4.90 21.36
C LEU A 167 -12.96 4.00 20.98
N GLN A 168 -11.87 4.12 21.73
CA GLN A 168 -10.67 3.29 21.55
C GLN A 168 -10.08 3.47 20.16
N LEU A 169 -9.92 4.74 19.78
CA LEU A 169 -9.33 5.11 18.51
C LEU A 169 -7.83 5.30 18.70
N ASP A 170 -7.39 5.26 19.95
CA ASP A 170 -5.97 5.20 20.28
C ASP A 170 -5.35 4.02 19.55
N GLU A 171 -6.07 2.92 19.64
CA GLU A 171 -5.63 1.59 19.25
C GLU A 171 -5.94 1.23 17.81
N ALA A 172 -6.75 2.06 17.15
CA ALA A 172 -6.78 2.08 15.70
C ALA A 172 -5.67 3.04 15.29
N GLY A 173 -4.77 2.60 14.43
CA GLY A 173 -3.64 3.43 14.07
C GLY A 173 -3.86 4.03 12.71
N THR A 174 -3.10 3.51 11.74
CA THR A 174 -3.24 3.88 10.34
C THR A 174 -4.61 3.47 9.77
N LYS A 175 -5.46 2.89 10.60
CA LYS A 175 -6.76 2.39 10.17
C LYS A 175 -7.95 3.24 10.61
N LEU A 176 -7.66 4.42 11.16
CA LEU A 176 -8.68 5.23 11.84
C LEU A 176 -9.95 5.53 11.04
N PHE A 177 -9.81 5.93 9.77
CA PHE A 177 -10.98 6.36 9.02
C PHE A 177 -11.79 5.16 8.53
N LYS A 178 -11.17 3.99 8.59
CA LYS A 178 -11.88 2.73 8.37
C LYS A 178 -12.77 2.37 9.57
N ASN A 179 -12.27 2.66 10.79
CA ASN A 179 -13.02 2.44 12.03
C ASN A 179 -14.43 3.03 11.96
N GLN A 180 -15.42 2.20 12.27
CA GLN A 180 -16.83 2.60 12.13
C GLN A 180 -17.30 3.63 13.15
N GLN A 181 -16.54 3.83 14.21
CA GLN A 181 -16.94 4.74 15.28
C GLN A 181 -16.23 6.10 15.17
N PHE A 182 -15.56 6.31 14.04
CA PHE A 182 -14.89 7.57 13.76
C PHE A 182 -15.86 8.77 13.68
N SER A 183 -16.94 8.60 12.92
CA SER A 183 -17.94 9.64 12.76
C SER A 183 -18.64 9.97 14.07
N THR A 184 -18.72 8.97 14.95
CA THR A 184 -19.22 9.16 16.30
C THR A 184 -18.43 10.29 16.96
N TRP A 185 -17.11 10.16 16.89
CA TRP A 185 -16.22 11.10 17.53
C TRP A 185 -16.24 12.46 16.85
N THR A 186 -16.29 12.47 15.52
CA THR A 186 -16.30 13.76 14.83
C THR A 186 -17.59 14.54 15.07
N SER A 187 -18.71 13.84 15.11
CA SER A 187 -19.99 14.47 15.40
C SER A 187 -19.97 15.03 16.82
N PHE A 188 -19.31 14.30 17.71
CA PHE A 188 -19.15 14.81 19.05
C PHE A 188 -18.34 16.11 19.04
N VAL A 189 -17.22 16.14 18.32
CA VAL A 189 -16.41 17.35 18.29
C VAL A 189 -17.19 18.54 17.75
N ASP A 190 -18.03 18.31 16.75
CA ASP A 190 -18.92 19.37 16.26
C ASP A 190 -19.80 19.92 17.37
N ALA A 191 -20.52 19.01 18.04
CA ALA A 191 -21.45 19.44 19.09
C ALA A 191 -20.75 20.16 20.24
N PHE A 192 -19.58 19.66 20.60
CA PHE A 192 -18.82 20.24 21.70
C PHE A 192 -18.32 21.62 21.29
N ASN A 193 -17.97 21.76 20.02
CA ASN A 193 -17.44 23.03 19.55
C ASN A 193 -18.51 24.09 19.46
N ARG A 194 -19.75 23.69 19.19
CA ARG A 194 -20.78 24.72 19.17
C ARG A 194 -21.38 24.96 20.55
N LYS A 195 -21.17 24.05 21.51
CA LYS A 195 -21.63 24.36 22.87
C LYS A 195 -20.55 25.10 23.67
N TYR A 196 -19.27 24.81 23.39
CA TYR A 196 -18.19 25.45 24.13
C TYR A 196 -17.17 26.11 23.20
N PRO A 197 -17.59 27.20 22.52
CA PRO A 197 -16.74 27.89 21.54
C PRO A 197 -15.43 28.44 22.10
N GLU A 198 -15.45 28.82 23.38
CA GLU A 198 -14.26 29.38 24.00
C GLU A 198 -13.15 28.35 24.09
N LYS A 199 -13.52 27.11 24.37
CA LYS A 199 -12.54 26.03 24.49
C LYS A 199 -12.65 25.04 23.33
N ALA A 200 -13.10 25.53 22.17
CA ALA A 200 -13.33 24.70 21.00
C ALA A 200 -12.02 24.21 20.39
N VAL A 201 -12.04 22.98 19.88
CA VAL A 201 -10.85 22.36 19.32
C VAL A 201 -11.17 21.66 18.00
N SER A 202 -10.37 21.95 16.98
CA SER A 202 -10.50 21.36 15.66
C SER A 202 -10.21 19.85 15.63
N ILE A 203 -11.07 19.11 14.92
CA ILE A 203 -10.82 17.71 14.59
C ILE A 203 -9.40 17.50 14.04
N PHE A 204 -9.07 18.31 13.05
CA PHE A 204 -7.78 18.22 12.44
C PHE A 204 -6.65 18.42 13.44
N SER A 205 -6.73 19.42 14.31
CA SER A 205 -5.64 19.68 15.25
C SER A 205 -5.30 18.43 16.07
N LYS A 206 -6.32 17.59 16.28
CA LYS A 206 -6.13 16.36 17.00
C LYS A 206 -5.46 15.31 16.11
N LEU A 207 -6.02 15.07 14.92
CA LEU A 207 -5.32 14.18 13.99
C LEU A 207 -3.85 14.56 13.85
N ALA A 208 -3.61 15.84 13.60
CA ALA A 208 -2.28 16.40 13.42
C ALA A 208 -1.44 16.21 14.67
N LYS A 209 -2.09 16.14 15.82
CA LYS A 209 -1.37 15.90 17.05
C LYS A 209 -1.03 14.41 17.21
N THR A 210 -1.78 13.55 16.54
CA THR A 210 -1.64 12.09 16.69
C THR A 210 -0.67 11.46 15.68
N TYR A 211 -0.66 11.98 14.45
CA TYR A 211 0.15 11.43 13.38
C TYR A 211 1.11 12.45 12.81
N ASP A 212 2.23 11.96 12.27
CA ASP A 212 3.17 12.82 11.57
C ASP A 212 2.53 13.18 10.23
N GLY A 213 3.08 14.20 9.57
CA GLY A 213 2.46 14.75 8.38
C GLY A 213 2.20 13.75 7.27
N PHE A 214 3.21 12.93 6.95
CA PHE A 214 3.13 12.03 5.82
C PHE A 214 2.13 10.89 6.04
N THR A 215 2.15 10.30 7.22
CA THR A 215 1.21 9.23 7.51
C THR A 215 -0.21 9.75 7.40
N LEU A 216 -0.47 10.88 8.05
CA LEU A 216 -1.78 11.53 7.97
C LEU A 216 -2.19 11.79 6.52
N TRP A 217 -1.26 12.34 5.75
CA TRP A 217 -1.53 12.56 4.32
C TRP A 217 -1.96 11.26 3.64
N LYS A 218 -1.25 10.16 3.86
CA LYS A 218 -1.61 8.91 3.18
C LYS A 218 -2.97 8.42 3.62
N LEU A 220 -5.47 10.14 4.70
CA LEU A 220 -6.47 10.98 4.06
C LEU A 220 -6.63 10.64 2.59
N GLU A 221 -5.52 10.65 1.87
CA GLU A 221 -5.50 10.39 0.44
C GLU A 221 -6.24 9.11 0.12
N ALA A 222 -6.07 8.11 0.98
CA ALA A 222 -6.73 6.82 0.82
C ALA A 222 -8.20 6.91 1.19
N ALA A 223 -8.52 7.71 2.21
CA ALA A 223 -9.86 7.77 2.76
C ALA A 223 -10.89 8.42 1.84
N LYS A 224 -10.45 9.30 0.95
CA LYS A 224 -11.36 9.93 0.00
C LYS A 224 -11.74 8.98 -1.15
N LYS A 225 -11.08 7.83 -1.21
CA LYS A 225 -11.47 6.84 -2.22
C LYS A 225 -12.83 6.21 -1.92
N VAL A 226 -13.03 5.83 -0.66
CA VAL A 226 -14.34 5.38 -0.19
C VAL A 226 -15.28 6.56 0.07
N PRO A 227 -16.41 6.59 -0.67
CA PRO A 227 -17.34 7.73 -0.73
C PRO A 227 -17.93 8.09 0.63
N LYS A 228 -18.14 7.07 1.46
CA LYS A 228 -18.65 7.25 2.82
C LYS A 228 -17.87 8.34 3.57
N THR A 229 -16.62 8.50 3.19
CA THR A 229 -15.74 9.45 3.84
C THR A 229 -15.06 10.39 2.83
N GLU A 230 -15.46 10.30 1.55
CA GLU A 230 -14.75 11.02 0.50
C GLU A 230 -14.75 12.53 0.76
N ILE A 231 -15.88 13.04 1.26
CA ILE A 231 -16.04 14.48 1.51
C ILE A 231 -15.06 14.95 2.57
N ILE A 232 -15.23 14.38 3.77
CA ILE A 232 -14.50 14.79 4.95
C ILE A 232 -12.99 14.73 4.74
N ALA A 233 -12.52 13.70 4.05
CA ALA A 233 -11.09 13.50 3.88
C ALA A 233 -10.54 14.68 3.10
N SER A 234 -11.29 15.09 2.08
CA SER A 234 -10.77 16.12 1.20
C SER A 234 -10.77 17.41 2.01
N LYS A 235 -11.77 17.56 2.88
CA LYS A 235 -11.88 18.74 3.69
C LYS A 235 -10.62 18.84 4.55
N LEU A 236 -10.24 17.70 5.12
CA LEU A 236 -9.15 17.71 6.07
C LEU A 236 -7.86 17.92 5.31
N GLN A 237 -7.83 17.44 4.06
CA GLN A 237 -6.62 17.57 3.28
C GLN A 237 -6.39 19.05 3.07
N ALA A 238 -7.46 19.78 2.84
CA ALA A 238 -7.33 21.21 2.61
C ALA A 238 -6.78 21.84 3.87
N GLN A 239 -7.31 21.41 5.02
CA GLN A 239 -6.94 22.04 6.26
C GLN A 239 -5.47 21.73 6.50
N GLN A 240 -5.04 20.53 6.09
CA GLN A 240 -3.67 20.16 6.38
C GLN A 240 -2.72 21.12 5.69
N ILE A 241 -3.05 21.49 4.45
CA ILE A 241 -2.17 22.36 3.70
C ILE A 241 -2.12 23.70 4.40
N ASP A 242 -3.30 24.20 4.78
CA ASP A 242 -3.37 25.50 5.41
C ASP A 242 -2.64 25.44 6.74
N ALA A 243 -2.65 24.27 7.36
CA ALA A 243 -2.08 24.14 8.68
C ALA A 243 -0.58 24.28 8.58
N TRP A 244 -0.02 23.88 7.45
CA TRP A 244 1.41 24.07 7.21
C TRP A 244 1.72 25.55 6.99
N LEU A 245 0.80 26.24 6.32
CA LEU A 245 0.97 27.64 5.96
C LEU A 245 1.02 28.52 7.20
N ASP A 246 0.07 28.30 8.10
CA ASP A 246 -0.02 29.04 9.34
C ASP A 246 1.12 28.69 10.30
N ALA A 247 1.57 27.43 10.24
CA ALA A 247 2.67 26.96 11.07
C ALA A 247 4.00 27.52 10.59
N GLY A 248 3.96 28.32 9.53
CA GLY A 248 5.14 28.96 8.98
C GLY A 248 6.18 28.00 8.46
N LYS A 249 5.73 26.88 7.89
CA LYS A 249 6.69 25.91 7.37
C LYS A 249 7.16 26.35 5.99
N SER A 250 8.44 26.17 5.74
CA SER A 250 9.03 26.42 4.44
C SER A 250 8.69 25.31 3.46
N THR A 251 8.74 25.61 2.17
CA THR A 251 8.50 24.64 1.11
C THR A 251 9.48 23.46 1.18
N ASP A 252 10.66 23.74 1.71
CA ASP A 252 11.71 22.74 1.88
C ASP A 252 11.34 21.79 3.02
N GLU A 253 10.78 22.34 4.10
CA GLU A 253 10.34 21.53 5.23
C GLU A 253 9.21 20.63 4.82
N VAL A 254 8.16 21.21 4.24
CA VAL A 254 7.04 20.42 3.71
C VAL A 254 7.50 19.43 2.65
N PHE A 255 8.62 19.74 1.99
CA PHE A 255 9.17 18.84 0.98
C PHE A 255 9.69 17.57 1.64
N ASN A 256 10.62 17.75 2.58
CA ASN A 256 11.18 16.62 3.32
C ASN A 256 10.12 15.85 4.12
N LEU A 257 9.22 16.60 4.75
CA LEU A 257 8.07 16.08 5.48
C LEU A 257 7.29 15.06 4.66
N LEU A 258 6.95 15.42 3.42
CA LEU A 258 6.20 14.52 2.55
C LEU A 258 7.08 13.46 1.88
N LYS A 259 8.33 13.37 2.31
CA LYS A 259 9.18 12.22 1.99
C LYS A 259 9.52 12.19 0.51
N LEU A 260 9.58 13.35 -0.12
CA LEU A 260 9.74 13.39 -1.56
C LEU A 260 11.23 13.19 -1.87
N GLN A 261 12.04 13.18 -0.82
CA GLN A 261 13.45 12.82 -0.91
C GLN A 261 13.53 11.33 -1.16
N ARG A 262 12.59 10.63 -0.53
CA ARG A 262 12.54 9.17 -0.45
C ARG A 262 12.18 8.64 -1.83
N THR A 263 11.60 9.52 -2.65
CA THR A 263 11.29 9.24 -4.04
C THR A 263 12.54 9.36 -4.89
N GLY A 264 12.61 8.66 -6.01
CA GLY A 264 13.79 8.75 -6.85
C GLY A 264 13.45 9.45 -8.14
N ASP A 265 13.70 8.80 -9.26
CA ASP A 265 13.22 9.28 -10.55
C ASP A 265 11.71 9.06 -10.70
N LYS A 266 11.05 8.70 -9.60
CA LYS A 266 9.61 8.44 -9.63
C LYS A 266 8.85 9.52 -8.88
N LEU A 267 9.43 10.71 -8.81
CA LEU A 267 8.86 11.85 -8.11
C LEU A 267 7.50 12.27 -8.67
N PHE A 268 7.44 12.63 -9.95
CA PHE A 268 6.19 13.07 -10.58
C PHE A 268 5.16 11.95 -10.70
N LYS A 269 5.49 10.78 -10.16
CA LYS A 269 4.56 9.65 -10.18
C LYS A 269 3.88 9.53 -8.82
N ASN A 270 4.42 10.23 -7.84
CA ASN A 270 3.83 10.29 -6.51
C ASN A 270 2.87 11.46 -6.32
N SER A 271 1.67 11.13 -5.86
CA SER A 271 0.60 12.10 -5.67
C SER A 271 0.95 13.20 -4.67
N GLN A 272 1.88 12.93 -3.75
CA GLN A 272 2.24 13.93 -2.75
C GLN A 272 3.02 15.07 -3.38
N PHE A 273 3.53 14.85 -4.58
CA PHE A 273 4.30 15.90 -5.25
C PHE A 273 3.37 17.03 -5.64
N LEU A 274 2.16 16.68 -6.10
CA LEU A 274 1.16 17.67 -6.49
C LEU A 274 0.72 18.46 -5.27
N THR A 275 0.67 17.77 -4.13
CA THR A 275 0.33 18.39 -2.86
C THR A 275 1.40 19.42 -2.50
N TRP A 276 2.66 19.06 -2.73
CA TRP A 276 3.74 19.97 -2.38
C TRP A 276 3.79 21.16 -3.32
N VAL A 277 3.43 20.94 -4.58
CA VAL A 277 3.36 22.02 -5.56
C VAL A 277 2.24 22.98 -5.19
N SER A 278 1.06 22.42 -4.96
CA SER A 278 -0.06 23.18 -4.43
C SER A 278 0.36 23.97 -3.19
N TYR A 279 1.24 23.40 -2.37
CA TYR A 279 1.71 24.11 -1.18
C TYR A 279 2.61 25.28 -1.57
N VAL A 280 3.57 25.05 -2.46
CA VAL A 280 4.56 26.08 -2.78
C VAL A 280 3.93 27.25 -3.54
N GLU A 281 2.87 27.02 -4.29
CA GLU A 281 2.25 28.13 -5.00
C GLU A 281 1.35 28.96 -4.07
N LYS A 282 0.98 28.40 -2.93
CA LYS A 282 0.25 29.18 -1.91
C LYS A 282 1.25 29.88 -1.00
N PHE A 283 2.42 29.26 -0.87
CA PHE A 283 3.49 29.75 -0.01
C PHE A 283 4.10 30.97 -0.65
N ASN A 284 4.23 30.91 -1.98
CA ASN A 284 4.81 32.00 -2.74
C ASN A 284 3.92 33.25 -2.71
N LYS A 285 2.61 33.05 -2.79
CA LYS A 285 1.68 34.17 -2.67
C LYS A 285 1.65 34.74 -1.27
N LYS A 286 1.71 33.89 -0.25
CA LYS A 286 1.72 34.39 1.12
C LYS A 286 2.94 35.29 1.39
N ASP A 287 4.14 34.78 1.13
CA ASP A 287 5.37 35.52 1.47
C ASP A 287 6.38 35.53 0.31
N PRO A 288 6.18 36.44 -0.67
CA PRO A 288 6.98 36.45 -1.90
C PRO A 288 8.37 37.07 -1.75
N ASP A 289 8.69 37.58 -0.58
CA ASP A 289 10.07 38.01 -0.32
C ASP A 289 10.90 36.77 -0.04
N GLN A 290 10.19 35.65 0.10
CA GLN A 290 10.81 34.36 0.37
C GLN A 290 10.45 33.31 -0.67
N ALA A 291 9.71 33.72 -1.70
CA ALA A 291 9.24 32.78 -2.72
C ALA A 291 10.41 32.04 -3.36
N ILE A 292 10.15 30.80 -3.78
CA ILE A 292 11.22 29.95 -4.28
C ILE A 292 11.05 29.56 -5.74
N ALA A 293 12.17 29.34 -6.41
CA ALA A 293 12.18 28.70 -7.70
C ALA A 293 12.06 27.19 -7.50
N ILE A 294 10.95 26.65 -7.98
CA ILE A 294 10.62 25.25 -7.77
C ILE A 294 11.51 24.38 -8.67
N PHE A 295 11.84 24.89 -9.86
CA PHE A 295 12.78 24.23 -10.75
C PHE A 295 14.19 24.20 -10.16
N SER A 296 14.57 25.20 -9.39
CA SER A 296 15.93 25.28 -8.87
C SER A 296 16.23 24.18 -7.86
N LYS A 297 15.22 23.76 -7.12
CA LYS A 297 15.39 22.67 -6.17
C LYS A 297 15.63 21.36 -6.93
N LEU A 298 14.69 21.05 -7.82
CA LEU A 298 14.80 19.86 -8.64
C LEU A 298 16.14 19.82 -9.37
N ALA A 299 16.60 20.99 -9.81
CA ALA A 299 17.86 21.10 -10.53
C ALA A 299 19.04 20.88 -9.58
N GLY A 300 18.83 21.16 -8.30
CA GLY A 300 19.86 20.93 -7.31
C GLY A 300 19.89 19.49 -6.81
N VAL A 301 18.85 18.72 -7.14
CA VAL A 301 18.80 17.33 -6.65
C VAL A 301 18.79 16.23 -7.74
N TYR A 302 18.69 16.62 -9.01
CA TYR A 302 18.74 15.66 -10.13
C TYR A 302 19.71 16.08 -11.23
N ASP A 303 20.16 15.11 -12.03
CA ASP A 303 20.89 15.37 -13.28
C ASP A 303 19.99 16.09 -14.27
N GLN A 304 20.61 16.67 -15.30
CA GLN A 304 19.84 17.36 -16.32
C GLN A 304 19.18 16.33 -17.24
N VAL A 305 19.78 15.15 -17.28
CA VAL A 305 19.34 14.10 -18.18
C VAL A 305 18.14 13.38 -17.58
N THR A 306 18.30 12.96 -16.34
CA THR A 306 17.20 12.29 -15.66
C THR A 306 16.06 13.29 -15.42
N LEU A 307 16.38 14.53 -15.06
CA LEU A 307 15.34 15.55 -14.88
C LEU A 307 14.57 15.77 -16.17
N SER A 308 15.30 15.79 -17.29
CA SER A 308 14.66 15.90 -18.59
C SER A 308 13.71 14.72 -18.81
N SER A 309 14.16 13.51 -18.45
CA SER A 309 13.37 12.29 -18.66
C SER A 309 12.07 12.31 -17.86
N LEU A 311 10.63 14.92 -16.59
CA LEU A 311 9.76 16.01 -17.01
C LEU A 311 8.97 15.63 -18.27
N GLU A 312 9.67 15.06 -19.25
CA GLU A 312 9.02 14.73 -20.52
C GLU A 312 8.01 13.59 -20.32
N ALA A 313 8.30 12.69 -19.39
CA ALA A 313 7.34 11.65 -19.08
C ALA A 313 6.10 12.24 -18.41
N ALA A 314 6.35 13.07 -17.39
CA ALA A 314 5.28 13.70 -16.61
C ALA A 314 4.37 14.54 -17.46
N LYS A 315 4.93 15.11 -18.53
CA LYS A 315 4.21 15.96 -19.45
C LYS A 315 3.09 15.20 -20.18
N HIS A 316 3.10 13.87 -20.07
CA HIS A 316 2.14 13.04 -20.80
C HIS A 316 1.12 12.37 -19.88
N VAL A 317 1.19 12.71 -18.60
CA VAL A 317 0.17 12.34 -17.62
C VAL A 317 -0.70 13.57 -17.33
N PRO A 318 -2.02 13.45 -17.53
CA PRO A 318 -2.93 14.60 -17.43
C PRO A 318 -2.78 15.39 -16.13
N SER A 319 -2.62 14.65 -15.04
CA SER A 319 -2.40 15.23 -13.72
C SER A 319 -1.21 16.19 -13.70
N THR A 320 -0.07 15.69 -14.15
CA THR A 320 1.20 16.40 -14.06
C THR A 320 1.60 17.12 -15.34
N LYS A 321 0.82 16.92 -16.39
CA LYS A 321 1.00 17.59 -17.68
C LYS A 321 1.32 19.08 -17.56
N ARG A 322 0.46 19.81 -16.85
CA ARG A 322 0.57 21.26 -16.72
C ARG A 322 1.74 21.79 -15.88
N ILE A 323 2.18 21.08 -14.84
CA ILE A 323 3.38 21.51 -14.10
C ILE A 323 4.67 21.05 -14.80
N ALA A 324 4.58 19.93 -15.52
CA ALA A 324 5.74 19.41 -16.22
C ALA A 324 6.07 20.29 -17.42
N SER A 325 5.05 20.73 -18.15
CA SER A 325 5.25 21.66 -19.26
C SER A 325 5.99 22.91 -18.82
N TYR A 326 5.49 23.51 -17.75
CA TYR A 326 6.09 24.72 -17.21
C TYR A 326 7.52 24.48 -16.78
N LEU A 327 7.76 23.35 -16.11
CA LEU A 327 9.08 23.08 -15.57
C LEU A 327 10.10 22.79 -16.68
N GLN A 328 9.65 22.12 -17.74
CA GLN A 328 10.49 21.85 -18.89
C GLN A 328 10.83 23.16 -19.59
N GLY A 329 9.86 24.07 -19.61
CA GLY A 329 10.12 25.41 -20.09
C GLY A 329 11.25 26.04 -19.30
N GLN A 330 11.19 25.90 -17.98
CA GLN A 330 12.23 26.43 -17.11
C GLN A 330 13.60 25.84 -17.44
N GLN A 331 13.61 24.54 -17.74
CA GLN A 331 14.85 23.85 -18.08
C GLN A 331 15.44 24.39 -19.36
N ASN A 332 14.62 24.41 -20.41
CA ASN A 332 14.95 25.12 -21.65
C ASN A 332 15.63 26.46 -21.39
N GLN A 333 14.92 27.32 -20.68
CA GLN A 333 15.39 28.68 -20.43
C GLN A 333 16.71 28.74 -19.67
N HIS A 334 16.90 27.83 -18.71
CA HIS A 334 18.17 27.78 -17.98
C HIS A 334 19.31 27.27 -18.85
N TRP A 335 19.01 26.29 -19.71
CA TRP A 335 19.98 25.77 -20.68
C TRP A 335 20.40 26.86 -21.67
N LEU A 336 19.48 27.77 -21.97
CA LEU A 336 19.75 28.82 -22.94
C LEU A 336 20.63 29.89 -22.31
N ALA A 337 20.41 30.16 -21.03
CA ALA A 337 21.13 31.21 -20.31
C ALA A 337 22.54 30.78 -19.95
N ASP A 338 22.76 29.46 -19.97
CA ASP A 338 24.07 28.90 -19.67
C ASP A 338 24.98 28.88 -20.88
N GLY A 339 24.39 29.04 -22.05
CA GLY A 339 25.12 29.03 -23.29
C GLY A 339 25.09 27.73 -24.07
N LYS A 340 24.30 26.77 -23.59
CA LYS A 340 24.12 25.52 -24.30
C LYS A 340 23.48 25.79 -25.66
N SER A 341 23.92 25.08 -26.69
CA SER A 341 23.32 25.19 -28.01
C SER A 341 22.54 23.92 -28.30
N THR A 342 21.71 23.95 -29.33
CA THR A 342 20.93 22.77 -29.72
C THR A 342 21.78 21.51 -29.90
N ASP A 343 23.04 21.69 -30.28
CA ASP A 343 23.93 20.56 -30.49
C ASP A 343 24.50 20.09 -29.16
N ASP A 344 24.72 21.02 -28.24
CA ASP A 344 25.15 20.72 -26.89
C ASP A 344 24.13 19.84 -26.19
N ILE A 345 22.86 20.22 -26.37
CA ILE A 345 21.74 19.53 -25.75
C ILE A 345 21.50 18.20 -26.44
N PHE A 346 21.65 18.21 -27.77
CA PHE A 346 21.57 16.97 -28.54
C PHE A 346 22.54 15.92 -28.01
N LYS A 347 23.79 16.33 -27.79
CA LYS A 347 24.80 15.41 -27.28
C LYS A 347 24.52 15.02 -25.83
N LEU A 348 24.24 16.03 -25.01
CA LEU A 348 23.83 15.85 -23.62
C LEU A 348 22.80 14.73 -23.47
N LEU A 349 21.71 14.82 -24.22
CA LEU A 349 20.65 13.83 -24.16
C LEU A 349 21.01 12.52 -24.86
N LYS A 350 22.30 12.33 -25.14
CA LYS A 350 22.81 11.07 -25.69
C LYS A 350 22.19 10.68 -27.01
N LEU A 351 21.82 11.67 -27.82
CA LEU A 351 21.11 11.38 -29.06
C LEU A 351 22.11 11.11 -30.19
N ASN A 352 23.39 11.35 -29.92
CA ASN A 352 24.44 11.13 -30.92
C ASN A 352 24.97 9.69 -30.89
N THR A 353 24.50 8.87 -29.96
CA THR A 353 24.86 7.46 -29.99
C THR A 353 23.79 6.80 -30.83
N PRO A 354 24.22 5.96 -31.79
CA PRO A 354 23.38 5.54 -32.92
C PRO A 354 22.30 4.50 -32.70
N SER A 355 21.78 4.32 -31.50
CA SER A 355 20.61 3.44 -31.34
C SER A 355 19.51 3.87 -32.30
N PRO A 356 18.87 2.91 -32.98
CA PRO A 356 17.79 3.28 -33.92
C PRO A 356 16.49 3.59 -33.19
N GLU A 357 16.36 3.09 -31.96
CA GLU A 357 15.17 3.35 -31.17
C GLU A 357 15.00 4.80 -30.75
N ASN A 358 16.07 5.59 -30.84
CA ASN A 358 15.97 7.01 -30.47
C ASN A 358 15.27 7.84 -31.55
N LEU A 359 14.66 7.17 -32.51
CA LEU A 359 13.90 7.85 -33.56
C LEU A 359 12.47 8.05 -33.07
N ILE A 360 12.10 7.34 -32.01
CA ILE A 360 10.81 7.51 -31.35
C ILE A 360 10.99 7.82 -29.85
N ASP A 361 12.23 8.09 -29.47
CA ASP A 361 12.62 8.30 -28.08
C ASP A 361 11.99 9.56 -27.52
N PRO A 362 11.58 9.52 -26.25
CA PRO A 362 11.14 10.73 -25.54
C PRO A 362 12.26 11.76 -25.42
N ARG A 363 13.50 11.28 -25.47
CA ARG A 363 14.67 12.16 -25.43
C ARG A 363 14.56 13.12 -26.62
N LEU A 364 14.04 12.59 -27.72
CA LEU A 364 13.86 13.37 -28.95
C LEU A 364 12.86 14.49 -28.74
N ASP A 365 11.78 14.23 -28.02
CA ASP A 365 10.78 15.25 -27.75
C ASP A 365 11.28 16.30 -26.79
N ALA A 366 12.03 15.87 -25.78
CA ALA A 366 12.67 16.81 -24.88
C ALA A 366 13.58 17.73 -25.70
N TRP A 367 14.24 17.13 -26.70
CA TRP A 367 15.17 17.88 -27.53
C TRP A 367 14.47 18.84 -28.47
N THR A 368 13.44 18.39 -29.18
CA THR A 368 12.74 19.26 -30.11
C THR A 368 12.06 20.39 -29.35
N SER A 369 11.68 20.11 -28.10
CA SER A 369 11.19 21.16 -27.23
C SER A 369 12.29 22.20 -27.05
N PHE A 370 13.49 21.74 -26.71
CA PHE A 370 14.56 22.70 -26.49
C PHE A 370 14.88 23.47 -27.76
N ARG A 372 12.89 24.25 -30.13
CA ARG A 372 11.84 25.25 -30.25
C ARG A 372 12.19 26.46 -29.40
N ALA A 373 12.76 26.22 -28.23
CA ALA A 373 13.08 27.31 -27.31
C ALA A 373 14.29 28.13 -27.78
N PHE A 374 15.30 27.42 -28.23
CA PHE A 374 16.52 28.02 -28.78
C PHE A 374 16.23 28.93 -29.98
N ASN A 375 15.35 28.48 -30.86
CA ASN A 375 15.07 29.22 -32.09
C ASN A 375 14.45 30.59 -31.82
N ALA A 377 14.80 32.48 -29.58
CA ALA A 377 15.80 33.41 -29.05
C ALA A 377 16.66 33.91 -30.18
N ASN A 378 17.42 32.98 -30.76
CA ASN A 378 18.34 33.28 -31.85
C ASN A 378 17.69 33.28 -33.23
N GLU A 379 17.01 34.38 -33.56
CA GLU A 379 16.27 34.45 -34.83
C GLU A 379 17.23 34.74 -35.99
N GLY A 380 17.02 34.03 -37.10
CA GLY A 380 17.94 34.05 -38.22
C GLY A 380 18.85 32.83 -38.19
N LYS A 381 19.36 32.52 -37.00
CA LYS A 381 20.29 31.39 -36.84
C LYS A 381 19.62 30.14 -36.26
N GLU A 382 18.43 29.83 -36.78
CA GLU A 382 17.60 28.75 -36.27
C GLU A 382 17.94 27.38 -36.87
N THR A 383 18.14 26.38 -36.00
CA THR A 383 18.54 25.04 -36.44
C THR A 383 17.38 24.13 -36.83
N THR A 384 17.72 22.97 -37.40
CA THR A 384 16.72 22.02 -37.86
C THR A 384 17.08 20.63 -37.37
N LEU A 385 16.08 19.75 -37.31
CA LEU A 385 16.28 18.40 -36.84
C LEU A 385 17.12 17.59 -37.84
N ILE A 386 16.75 17.60 -39.11
CA ILE A 386 17.55 16.90 -40.12
C ILE A 386 18.95 17.51 -40.24
N ALA A 387 19.06 18.81 -39.95
CA ALA A 387 20.35 19.49 -39.97
C ALA A 387 21.23 18.94 -38.87
N THR A 388 20.65 18.82 -37.67
CA THR A 388 21.36 18.35 -36.50
C THR A 388 21.73 16.85 -36.60
N LEU A 389 20.82 16.07 -37.19
CA LEU A 389 21.04 14.66 -37.38
C LEU A 389 22.10 14.43 -38.45
N THR A 390 22.19 15.37 -39.39
CA THR A 390 23.21 15.34 -40.43
C THR A 390 24.54 15.72 -39.82
N THR A 391 24.49 16.61 -38.83
CA THR A 391 25.69 17.10 -38.18
C THR A 391 26.37 16.03 -37.32
N HIS A 392 25.57 15.26 -36.58
CA HIS A 392 26.16 14.34 -35.60
C HIS A 392 26.44 12.96 -36.18
N TYR A 393 25.41 12.31 -36.71
CA TYR A 393 25.66 11.26 -37.68
C TYR A 393 26.15 11.97 -38.94
N LYS A 394 26.49 11.26 -40.00
CA LYS A 394 26.79 11.99 -41.22
C LYS A 394 25.71 11.76 -42.26
N ASP A 395 25.86 12.40 -43.42
CA ASP A 395 24.95 12.20 -44.54
C ASP A 395 24.74 10.71 -44.78
N ARG A 396 25.84 10.00 -45.00
CA ARG A 396 25.84 8.56 -45.15
C ARG A 396 25.28 7.85 -43.92
N GLY A 397 25.82 8.25 -42.76
CA GLY A 397 25.42 7.67 -41.48
C GLY A 397 23.93 7.80 -41.25
N LEU A 398 23.42 9.03 -41.39
CA LEU A 398 22.00 9.32 -41.18
C LEU A 398 21.12 8.63 -42.22
N ALA A 399 21.63 8.49 -43.45
CA ALA A 399 20.88 7.83 -44.51
C ALA A 399 20.65 6.39 -44.09
N GLN A 400 21.71 5.80 -43.57
CA GLN A 400 21.71 4.43 -43.08
C GLN A 400 20.70 4.30 -41.97
N LEU A 401 20.84 5.19 -40.99
CA LEU A 401 19.98 5.31 -39.84
C LEU A 401 18.48 5.32 -40.19
N LEU A 402 18.06 6.30 -40.99
CA LEU A 402 16.65 6.42 -41.39
C LEU A 402 16.17 5.22 -42.19
N GLN A 403 17.03 4.73 -43.08
CA GLN A 403 16.66 3.61 -43.93
C GLN A 403 16.39 2.38 -43.08
N GLU A 404 17.25 2.16 -42.09
CA GLU A 404 17.05 1.09 -41.12
C GLU A 404 15.76 1.31 -40.35
N GLY A 405 15.55 2.54 -39.92
CA GLY A 405 14.32 2.93 -39.26
C GLY A 405 13.05 2.57 -40.00
N THR A 406 13.08 2.65 -41.33
CA THR A 406 11.88 2.40 -42.13
C THR A 406 11.41 0.94 -42.09
N LYS A 407 12.23 0.03 -41.58
CA LYS A 407 11.87 -1.39 -41.58
C LYS A 407 10.93 -1.69 -40.41
N PHE A 408 11.30 -1.22 -39.22
CA PHE A 408 10.51 -1.42 -38.01
C PHE A 408 9.24 -0.60 -37.98
N ALA A 409 8.15 -1.25 -37.58
CA ALA A 409 6.83 -0.63 -37.48
C ALA A 409 6.79 0.55 -36.52
N SER A 410 7.48 0.44 -35.39
CA SER A 410 7.57 1.51 -34.40
C SER A 410 8.03 2.84 -34.99
N THR A 411 9.00 2.77 -35.88
CA THR A 411 9.74 3.95 -36.31
C THR A 411 9.50 4.27 -37.79
N LYS A 412 8.49 3.65 -38.38
CA LYS A 412 8.32 3.69 -39.83
C LYS A 412 7.74 4.99 -40.35
N LYS A 413 6.83 5.61 -39.61
CA LYS A 413 6.30 6.91 -40.01
C LYS A 413 7.38 7.97 -39.87
N ILE A 414 7.95 8.08 -38.67
CA ILE A 414 8.95 9.11 -38.41
C ILE A 414 10.09 9.04 -39.42
N ALA A 415 10.61 7.84 -39.63
CA ALA A 415 11.75 7.65 -40.51
C ALA A 415 11.36 8.10 -41.90
N GLU A 416 10.15 7.78 -42.33
CA GLU A 416 9.76 8.17 -43.67
C GLU A 416 9.64 9.69 -43.72
N GLU A 417 9.01 10.24 -42.69
CA GLU A 417 8.85 11.67 -42.58
C GLU A 417 10.23 12.29 -42.57
N LEU A 418 11.15 11.62 -41.89
CA LEU A 418 12.50 12.15 -41.79
C LEU A 418 13.26 12.00 -43.09
N GLN A 419 13.02 10.88 -43.78
CA GLN A 419 13.82 10.58 -44.97
C GLN A 419 13.63 11.64 -46.03
N THR A 420 12.38 11.94 -46.35
CA THR A 420 12.10 12.93 -47.36
C THR A 420 12.64 14.29 -46.90
N ALA A 421 12.68 14.53 -45.59
CA ALA A 421 13.24 15.78 -45.09
C ALA A 421 14.70 15.84 -45.53
N GLN A 422 15.39 14.73 -45.35
CA GLN A 422 16.80 14.63 -45.73
C GLN A 422 16.94 14.81 -47.23
N PHE A 423 15.98 14.30 -47.98
CA PHE A 423 15.97 14.52 -49.41
C PHE A 423 15.82 16.01 -49.72
N ALA A 424 14.88 16.67 -49.05
CA ALA A 424 14.60 18.07 -49.33
C ALA A 424 15.84 18.92 -49.06
N ARG A 425 16.53 18.63 -47.96
CA ARG A 425 17.74 19.34 -47.62
C ARG A 425 18.77 19.15 -48.72
N TRP A 426 18.84 17.94 -49.25
CA TRP A 426 19.77 17.67 -50.33
C TRP A 426 19.36 18.48 -51.55
N LEU A 427 18.06 18.44 -51.88
CA LEU A 427 17.58 19.08 -53.09
C LEU A 427 17.88 20.58 -53.12
N GLN A 428 17.56 21.27 -52.03
CA GLN A 428 17.84 22.70 -51.96
C GLN A 428 19.35 22.95 -51.95
N LEU A 429 20.13 22.04 -51.36
CA LEU A 429 21.59 22.19 -51.39
C LEU A 429 22.12 21.91 -52.79
N GLY A 430 21.25 21.41 -53.66
CA GLY A 430 21.59 21.21 -55.05
C GLY A 430 22.39 19.96 -55.34
N LYS A 431 22.26 18.96 -54.47
CA LYS A 431 22.98 17.71 -54.68
C LYS A 431 22.42 16.96 -55.87
N THR A 432 23.32 16.60 -56.78
CA THR A 432 22.98 15.86 -57.99
C THR A 432 23.18 14.36 -57.75
N GLU A 433 22.57 13.55 -58.61
CA GLU A 433 22.68 12.09 -58.53
C GLU A 433 24.10 11.55 -58.24
N ASP A 434 25.11 12.01 -58.99
CA ASP A 434 26.46 11.50 -58.77
C ASP A 434 27.10 12.11 -57.52
N ASP A 435 26.50 13.17 -56.99
CA ASP A 435 26.99 13.79 -55.77
C ASP A 435 26.59 12.90 -54.60
N ILE A 436 25.34 12.46 -54.61
CA ILE A 436 24.82 11.59 -53.56
C ILE A 436 25.42 10.18 -53.68
N PHE A 437 25.55 9.68 -54.91
CA PHE A 437 26.27 8.43 -55.15
C PHE A 437 27.65 8.50 -54.51
N ALA A 438 28.39 9.57 -54.80
CA ALA A 438 29.69 9.81 -54.19
C ALA A 438 29.63 9.82 -52.66
N LEU A 439 28.64 10.52 -52.12
CA LEU A 439 28.58 10.83 -50.70
C LEU A 439 27.91 9.73 -49.86
N LEU A 440 27.28 8.76 -50.52
CA LEU A 440 26.87 7.53 -49.86
C LEU A 440 27.93 6.43 -49.97
N LYS A 441 29.09 6.78 -50.54
CA LYS A 441 30.22 5.85 -50.72
C LYS A 441 29.79 4.58 -51.46
N LEU A 442 28.91 4.72 -52.44
CA LEU A 442 28.46 3.57 -53.23
C LEU A 442 29.47 3.09 -54.26
N LYS A 443 29.37 1.81 -54.58
CA LYS A 443 30.14 1.22 -55.66
C LYS A 443 29.16 0.65 -56.68
N LEU A 444 29.68 0.19 -57.81
CA LEU A 444 28.84 -0.45 -58.82
C LEU A 444 28.32 -1.79 -58.34
N THR A 445 29.17 -2.54 -57.64
CA THR A 445 28.84 -3.88 -57.19
C THR A 445 28.13 -3.88 -55.84
N THR A 446 27.74 -2.70 -55.37
CA THR A 446 26.92 -2.58 -54.18
C THR A 446 25.53 -3.13 -54.49
N PRO A 447 25.02 -4.04 -53.63
CA PRO A 447 23.67 -4.58 -53.82
C PRO A 447 22.62 -3.48 -53.79
N THR A 448 21.63 -3.53 -54.68
CA THR A 448 20.59 -2.51 -54.68
C THR A 448 19.76 -2.57 -53.39
N THR A 449 19.90 -3.67 -52.66
CA THR A 449 19.11 -3.95 -51.48
C THR A 449 19.75 -3.37 -50.22
N ASP A 450 21.02 -3.00 -50.31
CA ASP A 450 21.69 -2.28 -49.23
C ASP A 450 20.93 -1.01 -48.86
N PRO A 451 20.99 -0.62 -47.59
CA PRO A 451 20.38 0.64 -47.13
C PRO A 451 20.66 1.84 -48.03
N GLU A 452 21.93 2.21 -48.18
CA GLU A 452 22.31 3.36 -48.99
C GLU A 452 21.92 3.23 -50.47
N ALA A 453 22.07 2.04 -51.02
CA ALA A 453 21.72 1.81 -52.43
C ALA A 453 20.23 1.97 -52.68
N ILE A 454 19.43 1.86 -51.63
CA ILE A 454 18.00 2.15 -51.71
C ILE A 454 17.75 3.65 -51.57
N VAL A 455 18.30 4.22 -50.50
CA VAL A 455 18.19 5.66 -50.25
C VAL A 455 18.52 6.46 -51.50
N PHE A 456 19.67 6.17 -52.09
CA PHE A 456 20.14 6.78 -53.33
C PHE A 456 19.08 6.75 -54.45
N TYR A 457 18.52 5.57 -54.68
CA TYR A 457 17.46 5.42 -55.67
C TYR A 457 16.24 6.29 -55.39
N GLN A 458 15.77 6.24 -54.15
CA GLN A 458 14.59 7.01 -53.75
C GLN A 458 14.86 8.51 -53.89
N TYR A 459 16.11 8.91 -53.65
CA TYR A 459 16.51 10.30 -53.88
C TYR A 459 16.40 10.63 -55.37
N LYS A 460 16.79 9.69 -56.23
CA LYS A 460 16.68 9.95 -57.66
C LYS A 460 15.22 10.12 -58.07
N LEU A 461 14.33 9.30 -57.54
CA LEU A 461 12.90 9.46 -57.82
C LEU A 461 12.36 10.81 -57.35
N PHE A 462 12.83 11.23 -56.20
CA PHE A 462 12.41 12.50 -55.60
C PHE A 462 12.86 13.69 -56.47
N ASP A 464 13.82 13.61 -59.53
CA ASP A 464 13.14 13.52 -60.83
C ASP A 464 11.70 14.02 -60.70
N ALA A 465 11.16 13.98 -59.49
CA ALA A 465 9.79 14.43 -59.28
C ALA A 465 9.78 15.90 -58.83
N HIS A 466 10.94 16.54 -58.86
CA HIS A 466 11.04 17.95 -58.45
C HIS A 466 11.93 18.80 -59.39
N LYS A 468 11.29 21.18 -61.18
CA LYS A 468 10.93 22.58 -61.05
C LYS A 468 11.75 23.34 -59.99
N LEU A 469 11.73 22.82 -58.76
CA LEU A 469 12.45 23.40 -57.62
C LEU A 469 13.95 23.42 -57.78
N ALA A 470 14.46 22.59 -58.69
CA ALA A 470 15.89 22.44 -58.92
C ALA A 470 16.63 23.76 -59.18
N ALA A 471 15.89 24.86 -59.34
CA ALA A 471 16.43 26.21 -59.48
C ALA A 471 17.43 26.54 -58.36
N ALA A 472 17.15 26.00 -57.17
CA ALA A 472 18.05 26.12 -56.03
C ALA A 472 19.29 25.25 -56.23
N GLY B 42 10.56 -29.87 -29.74
CA GLY B 42 9.64 -29.59 -30.82
C GLY B 42 8.19 -29.51 -30.37
N LYS B 43 7.88 -28.48 -29.58
CA LYS B 43 6.54 -28.28 -29.03
C LYS B 43 5.55 -27.77 -30.07
N LEU B 44 5.99 -26.80 -30.86
CA LEU B 44 5.13 -26.01 -31.74
C LEU B 44 4.36 -26.81 -32.79
N ALA B 45 4.91 -27.94 -33.21
CA ALA B 45 4.25 -28.79 -34.18
C ALA B 45 2.97 -29.41 -33.63
N ASP B 46 3.00 -29.72 -32.33
CA ASP B 46 1.86 -30.34 -31.65
C ASP B 46 0.69 -29.39 -31.48
N LEU B 47 1.02 -28.10 -31.29
CA LEU B 47 0.02 -27.08 -31.02
C LEU B 47 -0.88 -26.78 -32.22
N PHE B 48 -0.33 -26.88 -33.42
CA PHE B 48 -1.07 -26.55 -34.62
C PHE B 48 -1.90 -27.72 -35.14
N GLU B 49 -2.10 -28.72 -34.29
CA GLU B 49 -3.07 -29.79 -34.55
C GLU B 49 -4.46 -29.29 -34.21
N SER B 50 -4.61 -28.87 -32.95
CA SER B 50 -5.89 -28.38 -32.43
C SER B 50 -6.17 -26.93 -32.82
N THR B 51 -5.60 -26.50 -33.94
CA THR B 51 -5.75 -25.13 -34.41
C THR B 51 -6.84 -25.03 -35.48
N ALA B 52 -7.69 -24.02 -35.34
CA ALA B 52 -8.77 -23.79 -36.30
C ALA B 52 -8.32 -22.93 -37.46
N LEU B 53 -8.14 -23.55 -38.62
CA LEU B 53 -7.83 -22.81 -39.84
C LEU B 53 -9.08 -22.70 -40.70
N LYS B 54 -9.18 -21.65 -41.50
CA LYS B 54 -10.39 -21.37 -42.25
C LYS B 54 -10.40 -22.05 -43.62
N ALA B 56 -9.24 -23.00 -46.52
CA ALA B 56 -8.83 -21.73 -47.16
C ALA B 56 -7.49 -21.27 -46.61
N GLN B 57 -7.33 -21.34 -45.29
CA GLN B 57 -6.04 -21.11 -44.69
C GLN B 57 -5.19 -22.34 -44.96
N SER B 58 -5.81 -23.52 -44.87
CA SER B 58 -5.09 -24.77 -45.05
C SER B 58 -4.96 -25.16 -46.53
N ALA B 59 -5.49 -24.34 -47.43
CA ALA B 59 -5.31 -24.64 -48.84
C ALA B 59 -4.16 -23.79 -49.37
N ARG B 60 -3.91 -22.67 -48.68
CA ARG B 60 -2.77 -21.81 -48.99
C ARG B 60 -1.46 -22.56 -48.71
N ILE B 61 -1.38 -23.08 -47.49
CA ILE B 61 -0.27 -23.91 -47.01
C ILE B 61 0.03 -25.13 -47.89
N ASN B 62 -1.01 -25.83 -48.26
CA ASN B 62 -0.91 -26.99 -49.11
C ASN B 62 -0.53 -26.64 -50.55
N THR B 63 -0.88 -25.42 -50.95
CA THR B 63 -0.40 -24.87 -52.21
C THR B 63 1.10 -24.62 -52.10
N TRP B 64 1.53 -23.99 -51.01
CA TRP B 64 2.95 -23.74 -50.78
C TRP B 64 3.78 -25.03 -50.65
N LEU B 65 3.18 -26.12 -50.20
CA LEU B 65 3.89 -27.40 -50.08
C LEU B 65 4.01 -28.05 -51.45
N VAL B 66 2.91 -27.97 -52.19
CA VAL B 66 2.88 -28.40 -53.57
C VAL B 66 3.95 -27.69 -54.42
N LYS B 67 3.88 -26.36 -54.53
CA LYS B 67 4.89 -25.60 -55.25
C LYS B 67 6.27 -25.72 -54.63
N GLY B 68 6.34 -25.55 -53.32
CA GLY B 68 7.59 -25.64 -52.59
C GLY B 68 8.07 -24.26 -52.16
N THR B 69 7.20 -23.26 -52.21
CA THR B 69 7.57 -21.87 -51.95
C THR B 69 8.25 -21.69 -50.58
N SER B 70 9.34 -20.92 -50.58
CA SER B 70 10.13 -20.67 -49.37
C SER B 70 9.34 -19.94 -48.30
N VAL B 71 9.68 -20.21 -47.04
CA VAL B 71 9.06 -19.54 -45.90
C VAL B 71 9.18 -18.02 -46.02
N ASP B 72 10.29 -17.55 -46.60
CA ASP B 72 10.50 -16.13 -46.85
C ASP B 72 9.54 -15.57 -47.90
N ASP B 73 9.49 -16.21 -49.07
CA ASP B 73 8.61 -15.77 -50.14
C ASP B 73 7.15 -15.94 -49.73
N ALA B 74 6.87 -17.00 -48.97
CA ALA B 74 5.53 -17.21 -48.45
C ALA B 74 5.18 -16.09 -47.48
N PHE B 75 6.20 -15.58 -46.80
CA PHE B 75 6.06 -14.45 -45.89
C PHE B 75 5.80 -13.15 -46.68
N LEU B 76 6.43 -13.02 -47.84
CA LEU B 76 6.22 -11.86 -48.71
C LEU B 76 4.85 -11.86 -49.36
N LYS B 77 4.42 -13.02 -49.85
CA LYS B 77 3.11 -13.18 -50.47
C LYS B 77 1.93 -12.95 -49.50
N LEU B 78 2.23 -12.82 -48.21
CA LEU B 78 1.18 -12.56 -47.21
C LEU B 78 1.24 -11.12 -46.72
N GLU B 79 2.16 -10.34 -47.28
CA GLU B 79 2.33 -8.94 -46.92
C GLU B 79 2.47 -8.71 -45.42
N LEU B 80 3.11 -9.63 -44.72
CA LEU B 80 3.26 -9.51 -43.27
C LEU B 80 4.46 -8.64 -42.90
N ASN B 81 5.22 -8.21 -43.89
CA ASN B 81 6.34 -7.32 -43.63
C ASN B 81 5.83 -5.88 -43.48
N THR B 82 4.56 -5.70 -43.80
CA THR B 82 3.88 -4.43 -43.65
C THR B 82 2.65 -4.54 -42.75
N ALA B 83 2.75 -5.31 -41.67
CA ALA B 83 1.58 -5.59 -40.83
C ALA B 83 1.56 -4.81 -39.52
N GLY B 84 2.75 -4.47 -39.00
CA GLY B 84 2.83 -3.69 -37.78
C GLY B 84 2.38 -4.32 -36.47
N SER B 85 2.28 -3.47 -35.45
CA SER B 85 2.08 -3.86 -34.06
C SER B 85 0.91 -4.79 -33.72
N ARG B 86 -0.13 -4.84 -34.55
CA ARG B 86 -1.28 -5.72 -34.26
C ARG B 86 -1.13 -7.07 -34.96
N ILE B 87 0.11 -7.41 -35.30
CA ILE B 87 0.44 -8.58 -36.10
C ILE B 87 -0.18 -9.89 -35.59
N PHE B 88 -0.22 -10.08 -34.28
CA PHE B 88 -0.70 -11.36 -33.75
C PHE B 88 -2.19 -11.55 -33.99
N GLU B 89 -2.95 -10.46 -34.04
CA GLU B 89 -4.37 -10.57 -34.39
C GLU B 89 -4.59 -10.94 -35.86
N ASN B 90 -3.54 -10.89 -36.67
CA ASN B 90 -3.65 -11.20 -38.09
C ASN B 90 -3.56 -12.69 -38.37
N PRO B 91 -4.68 -13.29 -38.82
CA PRO B 91 -4.74 -14.73 -39.13
C PRO B 91 -3.66 -15.20 -40.11
N LYS B 92 -3.10 -14.28 -40.89
CA LYS B 92 -2.05 -14.63 -41.85
C LYS B 92 -0.77 -15.03 -41.11
N LEU B 93 -0.63 -14.55 -39.88
CA LEU B 93 0.52 -14.93 -39.07
C LEU B 93 0.34 -16.38 -38.63
N LEU B 94 -0.91 -16.74 -38.31
CA LEU B 94 -1.23 -18.12 -37.95
C LEU B 94 -0.94 -19.04 -39.12
N THR B 95 -1.32 -18.57 -40.31
CA THR B 95 -1.14 -19.35 -41.52
C THR B 95 0.34 -19.53 -41.85
N TRP B 96 1.11 -18.46 -41.67
CA TRP B 96 2.52 -18.53 -41.99
C TRP B 96 3.26 -19.41 -40.98
N ALA B 97 2.89 -19.30 -39.71
CA ALA B 97 3.55 -20.06 -38.64
C ALA B 97 3.23 -21.55 -38.74
N VAL B 98 1.99 -21.85 -39.13
CA VAL B 98 1.60 -23.22 -39.38
C VAL B 98 2.44 -23.74 -40.56
N TYR B 99 2.49 -22.99 -41.66
CA TYR B 99 3.34 -23.41 -42.78
C TYR B 99 4.81 -23.61 -42.41
N VAL B 100 5.32 -22.81 -41.48
CA VAL B 100 6.73 -22.95 -41.09
C VAL B 100 6.93 -24.21 -40.28
N THR B 101 5.98 -24.53 -39.39
CA THR B 101 6.01 -25.81 -38.70
C THR B 101 6.03 -26.98 -39.69
N LYS B 102 5.42 -26.78 -40.85
CA LYS B 102 5.31 -27.84 -41.85
C LYS B 102 6.59 -27.99 -42.66
N VAL B 103 7.60 -27.15 -42.38
CA VAL B 103 8.88 -27.26 -43.07
C VAL B 103 10.06 -27.24 -42.10
N GLU B 104 9.77 -27.34 -40.81
CA GLU B 104 10.82 -27.50 -39.80
C GLU B 104 10.24 -27.93 -38.45
N ASN B 107 12.80 -27.31 -35.25
CA ASN B 107 12.62 -26.11 -34.45
C ASN B 107 12.30 -24.87 -35.29
N PRO B 108 11.03 -24.74 -35.71
CA PRO B 108 10.54 -23.62 -36.55
C PRO B 108 10.43 -22.32 -35.77
N GLU B 109 10.19 -22.45 -34.47
CA GLU B 109 10.08 -21.34 -33.53
C GLU B 109 11.27 -20.38 -33.55
N GLU B 110 12.45 -20.87 -33.91
CA GLU B 110 13.62 -20.00 -34.03
C GLU B 110 13.47 -19.04 -35.21
N ILE B 111 12.88 -19.55 -36.29
CA ILE B 111 12.77 -18.80 -37.54
C ILE B 111 11.72 -17.69 -37.46
N ILE B 112 10.53 -18.06 -36.97
CA ILE B 112 9.44 -17.12 -36.80
C ILE B 112 9.90 -15.88 -36.07
N LEU B 113 10.46 -16.09 -34.87
CA LEU B 113 10.88 -14.96 -34.06
C LEU B 113 11.99 -14.21 -34.78
N ALA B 114 12.84 -14.93 -35.49
CA ALA B 114 13.95 -14.31 -36.18
C ALA B 114 13.39 -13.34 -37.21
N LYS B 115 12.38 -13.79 -37.94
CA LYS B 115 11.79 -12.95 -38.97
C LYS B 115 11.19 -11.74 -38.31
N LEU B 116 10.56 -12.00 -37.16
CA LEU B 116 9.89 -10.96 -36.42
C LEU B 116 10.90 -9.98 -35.85
N SER B 117 12.10 -10.48 -35.60
CA SER B 117 13.16 -9.62 -35.07
C SER B 117 13.68 -8.62 -36.11
N LYS B 118 13.28 -8.75 -37.37
CA LYS B 118 13.69 -7.76 -38.38
C LYS B 118 12.58 -6.77 -38.72
N GLN B 119 11.43 -6.92 -38.08
CA GLN B 119 10.31 -6.05 -38.38
C GLN B 119 9.82 -5.33 -37.12
N PHE B 120 10.25 -5.83 -35.97
CA PHE B 120 9.87 -5.24 -34.70
C PHE B 120 11.06 -5.13 -33.76
N THR B 121 11.15 -3.99 -33.08
CA THR B 121 12.23 -3.73 -32.14
C THR B 121 12.12 -4.72 -30.98
N GLU B 122 13.27 -5.05 -30.39
CA GLU B 122 13.37 -6.06 -29.35
C GLU B 122 12.35 -5.85 -28.22
N GLY B 123 12.32 -4.63 -27.68
CA GLY B 123 11.41 -4.30 -26.61
C GLY B 123 9.96 -4.39 -27.02
N SER B 124 9.65 -3.85 -28.19
CA SER B 124 8.28 -3.82 -28.66
C SER B 124 7.82 -5.24 -28.99
N LEU B 125 8.71 -6.04 -29.57
CA LEU B 125 8.41 -7.44 -29.87
C LEU B 125 8.07 -8.18 -28.57
N ALA B 126 8.91 -7.96 -27.56
CA ALA B 126 8.66 -8.50 -26.23
C ALA B 126 7.24 -8.16 -25.76
N LYS B 127 6.92 -6.87 -25.73
CA LYS B 127 5.60 -6.41 -25.26
C LYS B 127 4.43 -7.02 -26.04
N ILE B 129 4.39 -9.86 -27.76
CA ILE B 129 4.30 -11.25 -27.35
C ILE B 129 3.61 -11.39 -25.99
N ALA B 130 3.99 -10.52 -25.05
CA ALA B 130 3.37 -10.47 -23.72
C ALA B 130 1.85 -10.30 -23.77
N SER B 131 1.36 -9.30 -24.51
CA SER B 131 -0.08 -9.09 -24.56
C SER B 131 -0.76 -10.12 -25.47
N ALA B 132 0.05 -10.80 -26.28
CA ALA B 132 -0.47 -11.86 -27.14
C ALA B 132 -0.68 -13.08 -26.27
N LYS B 133 0.11 -13.15 -25.21
CA LYS B 133 0.00 -14.21 -24.20
C LYS B 133 -1.31 -14.10 -23.41
N LEU B 134 -1.95 -12.94 -23.44
CA LEU B 134 -3.19 -12.77 -22.70
C LEU B 134 -4.46 -13.28 -23.40
N ASP B 135 -4.48 -13.33 -24.73
CA ASP B 135 -5.70 -13.76 -25.41
C ASP B 135 -5.70 -15.25 -25.74
N SER B 136 -6.78 -15.92 -25.36
CA SER B 136 -6.88 -17.38 -25.44
C SER B 136 -6.62 -17.95 -26.85
N LYS B 137 -6.79 -17.10 -27.87
CA LYS B 137 -6.73 -17.59 -29.24
C LYS B 137 -5.28 -17.68 -29.76
N THR B 138 -4.35 -16.96 -29.14
CA THR B 138 -2.93 -17.01 -29.52
C THR B 138 -1.97 -17.33 -28.36
N GLU B 139 -2.27 -18.37 -27.59
CA GLU B 139 -1.47 -18.73 -26.41
C GLU B 139 -0.20 -19.56 -26.52
N GLY B 140 -0.31 -20.74 -27.13
CA GLY B 140 0.83 -21.63 -27.33
C GLY B 140 1.91 -20.84 -28.02
N LEU B 141 1.54 -20.29 -29.17
CA LEU B 141 2.44 -19.51 -30.00
C LEU B 141 3.16 -18.43 -29.20
N ALA B 142 2.39 -17.62 -28.47
CA ALA B 142 2.95 -16.53 -27.69
C ALA B 142 3.96 -16.99 -26.63
N THR B 143 3.62 -18.05 -25.90
CA THR B 143 4.50 -18.53 -24.83
C THR B 143 5.79 -19.10 -25.42
N ILE B 144 5.65 -19.98 -26.41
CA ILE B 144 6.78 -20.58 -27.11
C ILE B 144 7.73 -19.51 -27.66
N LEU B 145 7.15 -18.46 -28.25
CA LEU B 145 7.95 -17.37 -28.78
C LEU B 145 8.65 -16.61 -27.67
N GLN B 146 7.97 -16.43 -26.54
CA GLN B 146 8.57 -15.73 -25.40
C GLN B 146 9.80 -16.50 -24.91
N ALA B 147 9.73 -17.82 -25.01
CA ALA B 147 10.83 -18.69 -24.62
C ALA B 147 11.98 -18.57 -25.62
N GLN B 148 11.64 -18.54 -26.90
CA GLN B 148 12.66 -18.40 -27.94
C GLN B 148 13.40 -17.07 -27.82
N GLN B 149 12.65 -16.02 -27.55
CA GLN B 149 13.23 -14.69 -27.35
C GLN B 149 14.16 -14.75 -26.16
N ARG B 150 13.73 -15.44 -25.10
CA ARG B 150 14.57 -15.61 -23.92
C ARG B 150 15.92 -16.21 -24.28
N GLN B 151 15.88 -17.35 -24.97
CA GLN B 151 17.12 -18.02 -25.36
C GLN B 151 18.00 -17.16 -26.25
N VAL B 152 17.38 -16.43 -27.17
CA VAL B 152 18.14 -15.54 -28.06
C VAL B 152 18.85 -14.46 -27.26
N TRP B 153 18.15 -13.83 -26.32
CA TRP B 153 18.79 -12.86 -25.44
C TRP B 153 19.95 -13.47 -24.65
N VAL B 154 19.77 -14.71 -24.19
CA VAL B 154 20.84 -15.40 -23.47
C VAL B 154 22.08 -15.60 -24.35
N ASP B 155 21.87 -16.21 -25.51
CA ASP B 155 22.92 -16.44 -26.48
C ASP B 155 23.64 -15.14 -26.84
N ALA B 156 22.86 -14.08 -27.06
CA ALA B 156 23.41 -12.77 -27.34
C ALA B 156 24.23 -12.22 -26.16
N GLY B 157 24.14 -12.89 -25.02
CA GLY B 157 24.95 -12.55 -23.87
C GLY B 157 24.41 -11.40 -23.03
N LYS B 158 23.16 -11.01 -23.29
CA LYS B 158 22.50 -9.89 -22.60
C LYS B 158 22.57 -10.00 -21.08
N SER B 159 22.96 -8.90 -20.44
CA SER B 159 22.93 -8.82 -18.98
C SER B 159 21.50 -8.90 -18.43
N SER B 160 21.37 -9.23 -17.14
CA SER B 160 20.05 -9.26 -16.51
C SER B 160 19.51 -7.84 -16.37
N ASP B 161 20.42 -6.90 -16.17
CA ASP B 161 20.07 -5.49 -16.05
C ASP B 161 19.44 -4.99 -17.35
N GLU B 162 19.96 -5.46 -18.48
CA GLU B 162 19.49 -4.95 -19.76
C GLU B 162 18.15 -5.55 -20.10
N VAL B 163 17.95 -6.82 -19.74
CA VAL B 163 16.66 -7.45 -19.93
C VAL B 163 15.64 -6.77 -19.00
N PHE B 164 16.13 -6.35 -17.83
CA PHE B 164 15.29 -5.64 -16.86
C PHE B 164 14.73 -4.34 -17.45
N LYS B 165 15.62 -3.49 -17.95
CA LYS B 165 15.19 -2.27 -18.65
C LYS B 165 14.30 -2.56 -19.88
N LEU B 166 14.71 -3.52 -20.70
CA LEU B 166 13.94 -3.92 -21.89
C LEU B 166 12.45 -4.16 -21.62
N LEU B 167 12.16 -4.88 -20.54
CA LEU B 167 10.78 -5.23 -20.22
C LEU B 167 10.12 -4.09 -19.45
N GLN B 168 10.88 -3.04 -19.20
CA GLN B 168 10.41 -1.83 -18.55
C GLN B 168 9.92 -2.09 -17.14
N LEU B 169 10.73 -2.82 -16.38
CA LEU B 169 10.43 -3.04 -14.97
C LEU B 169 11.17 -1.98 -14.16
N ASP B 170 12.09 -1.28 -14.81
CA ASP B 170 12.66 -0.04 -14.28
C ASP B 170 11.54 0.96 -14.02
N GLU B 171 10.60 1.07 -14.96
CA GLU B 171 9.54 2.07 -14.86
C GLU B 171 8.33 1.51 -14.11
N ALA B 172 8.39 0.22 -13.79
CA ALA B 172 7.49 -0.34 -12.79
C ALA B 172 8.18 -0.12 -11.46
N GLY B 173 7.48 0.46 -10.48
CA GLY B 173 8.13 0.78 -9.23
C GLY B 173 7.84 -0.24 -8.14
N THR B 174 7.13 0.20 -7.11
CA THR B 174 6.67 -0.68 -6.04
C THR B 174 5.64 -1.71 -6.55
N LYS B 175 5.39 -1.70 -7.86
CA LYS B 175 4.36 -2.51 -8.48
C LYS B 175 4.98 -3.72 -9.19
N LEU B 176 6.27 -3.93 -8.95
CA LEU B 176 7.08 -4.88 -9.73
C LEU B 176 6.53 -6.30 -9.81
N PHE B 177 6.08 -6.85 -8.68
CA PHE B 177 5.67 -8.25 -8.62
C PHE B 177 4.26 -8.44 -9.16
N LYS B 178 3.55 -7.33 -9.29
CA LYS B 178 2.25 -7.29 -9.96
C LYS B 178 2.44 -7.42 -11.48
N ASN B 179 3.50 -6.79 -11.97
CA ASN B 179 3.83 -6.81 -13.38
C ASN B 179 3.88 -8.19 -14.03
N GLN B 180 3.18 -8.31 -15.15
CA GLN B 180 3.04 -9.58 -15.86
C GLN B 180 4.36 -10.06 -16.43
N GLN B 181 5.31 -9.13 -16.60
CA GLN B 181 6.60 -9.46 -17.23
C GLN B 181 7.73 -9.62 -16.20
N PHE B 182 7.35 -9.65 -14.93
CA PHE B 182 8.28 -9.91 -13.85
C PHE B 182 8.87 -11.32 -14.00
N SER B 183 7.97 -12.27 -14.19
CA SER B 183 8.36 -13.66 -14.34
C SER B 183 9.14 -13.92 -15.63
N THR B 184 8.87 -13.13 -16.66
CA THR B 184 9.66 -13.18 -17.88
C THR B 184 11.13 -12.95 -17.53
N TRP B 185 11.36 -11.88 -16.77
CA TRP B 185 12.70 -11.48 -16.43
C TRP B 185 13.35 -12.49 -15.48
N THR B 186 12.57 -13.03 -14.54
CA THR B 186 13.17 -14.00 -13.61
C THR B 186 13.57 -15.26 -14.38
N SER B 187 12.78 -15.63 -15.38
CA SER B 187 13.11 -16.77 -16.23
C SER B 187 14.39 -16.50 -17.00
N PHE B 188 14.56 -15.26 -17.42
CA PHE B 188 15.81 -14.92 -18.06
C PHE B 188 16.98 -15.07 -17.08
N VAL B 189 16.83 -14.55 -15.86
CA VAL B 189 17.93 -14.63 -14.88
C VAL B 189 18.30 -16.08 -14.62
N ASP B 190 17.29 -16.95 -14.51
CA ASP B 190 17.54 -18.37 -14.36
C ASP B 190 18.34 -18.95 -15.53
N ALA B 191 17.86 -18.71 -16.75
CA ALA B 191 18.52 -19.26 -17.94
C ALA B 191 19.96 -18.74 -18.07
N PHE B 192 20.15 -17.46 -17.74
CA PHE B 192 21.44 -16.81 -17.82
C PHE B 192 22.38 -17.38 -16.76
N ASN B 193 21.82 -17.70 -15.60
CA ASN B 193 22.61 -18.21 -14.50
C ASN B 193 23.02 -19.66 -14.71
N ARG B 194 22.22 -20.42 -15.46
CA ARG B 194 22.66 -21.76 -15.79
C ARG B 194 23.57 -21.78 -17.02
N LYS B 195 23.55 -20.70 -17.80
CA LYS B 195 24.48 -20.63 -18.94
C LYS B 195 25.85 -20.04 -18.58
N TYR B 196 25.88 -19.07 -17.67
CA TYR B 196 27.13 -18.40 -17.32
C TYR B 196 27.38 -18.37 -15.82
N PRO B 197 27.67 -19.53 -15.21
CA PRO B 197 27.81 -19.60 -13.75
C PRO B 197 28.85 -18.64 -13.17
N GLU B 198 29.90 -18.37 -13.95
CA GLU B 198 30.95 -17.43 -13.52
C GLU B 198 30.39 -16.02 -13.44
N LYS B 199 29.46 -15.72 -14.34
CA LYS B 199 28.86 -14.38 -14.44
C LYS B 199 27.45 -14.39 -13.87
N ALA B 200 27.17 -15.35 -13.01
CA ALA B 200 25.83 -15.53 -12.46
C ALA B 200 25.54 -14.44 -11.43
N VAL B 201 24.30 -13.99 -11.42
CA VAL B 201 23.86 -12.93 -10.50
C VAL B 201 22.48 -13.26 -9.94
N SER B 202 22.33 -13.11 -8.63
CA SER B 202 21.05 -13.29 -7.96
C SER B 202 20.00 -12.24 -8.34
N ILE B 203 18.79 -12.71 -8.60
CA ILE B 203 17.60 -11.86 -8.72
C ILE B 203 17.52 -10.87 -7.56
N PHE B 204 17.66 -11.44 -6.38
CA PHE B 204 17.56 -10.66 -5.17
C PHE B 204 18.57 -9.52 -5.15
N SER B 205 19.82 -9.78 -5.51
CA SER B 205 20.85 -8.73 -5.43
C SER B 205 20.41 -7.49 -6.24
N LYS B 206 19.62 -7.75 -7.27
CA LYS B 206 19.08 -6.70 -8.13
C LYS B 206 17.96 -5.96 -7.43
N LEU B 207 16.95 -6.69 -6.96
CA LEU B 207 15.91 -6.05 -6.15
C LEU B 207 16.49 -5.19 -5.02
N ALA B 208 17.40 -5.79 -4.26
CA ALA B 208 18.06 -5.15 -3.13
C ALA B 208 18.89 -3.94 -3.50
N LYS B 209 19.43 -3.92 -4.71
CA LYS B 209 20.15 -2.71 -5.12
C LYS B 209 19.16 -1.66 -5.67
N THR B 210 17.97 -2.10 -6.05
CA THR B 210 16.99 -1.18 -6.63
C THR B 210 16.07 -0.56 -5.58
N TYR B 211 15.73 -1.32 -4.53
CA TYR B 211 14.83 -0.80 -3.49
C TYR B 211 15.48 -0.86 -2.12
N ASP B 212 15.08 0.03 -1.22
CA ASP B 212 15.56 -0.02 0.15
C ASP B 212 14.85 -1.14 0.91
N GLY B 213 15.40 -1.48 2.07
CA GLY B 213 14.96 -2.63 2.84
C GLY B 213 13.49 -2.65 3.18
N PHE B 214 12.97 -1.54 3.69
CA PHE B 214 11.59 -1.51 4.17
C PHE B 214 10.58 -1.63 3.02
N THR B 215 10.74 -0.83 1.96
CA THR B 215 9.83 -0.91 0.82
C THR B 215 9.89 -2.29 0.19
N LEU B 216 11.10 -2.80 0.02
CA LEU B 216 11.29 -4.15 -0.51
C LEU B 216 10.51 -5.16 0.33
N TRP B 217 10.67 -5.09 1.65
CA TRP B 217 9.89 -5.95 2.54
C TRP B 217 8.37 -5.83 2.33
N LYS B 218 7.86 -4.60 2.26
CA LYS B 218 6.42 -4.40 2.10
C LYS B 218 5.95 -5.03 0.80
N LEU B 220 7.43 -7.55 -0.89
CA LEU B 220 7.49 -9.00 -0.78
C LEU B 220 6.30 -9.51 0.01
N GLU B 221 6.14 -8.98 1.21
CA GLU B 221 5.05 -9.34 2.12
C GLU B 221 3.68 -9.23 1.45
N ALA B 222 3.51 -8.22 0.60
CA ALA B 222 2.24 -8.03 -0.10
C ALA B 222 2.08 -9.05 -1.23
N ALA B 223 3.17 -9.32 -1.93
CA ALA B 223 3.14 -10.20 -3.09
C ALA B 223 3.00 -11.67 -2.66
N LYS B 224 3.41 -11.99 -1.44
CA LYS B 224 3.32 -13.37 -0.95
C LYS B 224 1.89 -13.78 -0.59
N LYS B 225 1.05 -12.79 -0.31
CA LYS B 225 -0.38 -13.03 -0.11
C LYS B 225 -1.09 -13.19 -1.46
N VAL B 226 -0.55 -12.57 -2.51
CA VAL B 226 -0.99 -12.86 -3.87
C VAL B 226 -0.45 -14.25 -4.24
N PRO B 227 -1.36 -15.21 -4.45
CA PRO B 227 -1.05 -16.64 -4.60
C PRO B 227 -0.16 -16.96 -5.80
N LYS B 228 -0.36 -16.25 -6.90
CA LYS B 228 0.47 -16.38 -8.10
C LYS B 228 1.96 -16.23 -7.79
N THR B 229 2.27 -15.48 -6.74
CA THR B 229 3.65 -15.09 -6.46
C THR B 229 4.21 -15.45 -5.09
N GLU B 230 3.45 -16.20 -4.28
CA GLU B 230 3.86 -16.41 -2.89
C GLU B 230 5.21 -17.09 -2.74
N ILE B 231 5.41 -18.14 -3.53
CA ILE B 231 6.56 -19.03 -3.36
C ILE B 231 7.83 -18.23 -3.49
N ILE B 232 8.01 -17.65 -4.68
CA ILE B 232 9.20 -16.88 -4.98
C ILE B 232 9.32 -15.75 -3.97
N ALA B 233 8.18 -15.16 -3.61
CA ALA B 233 8.23 -13.99 -2.74
C ALA B 233 8.83 -14.40 -1.41
N SER B 234 8.44 -15.58 -0.93
CA SER B 234 8.86 -15.97 0.39
C SER B 234 10.36 -16.25 0.35
N LYS B 235 10.83 -16.77 -0.78
CA LYS B 235 12.25 -17.07 -0.91
C LYS B 235 13.02 -15.79 -0.71
N LEU B 236 12.49 -14.72 -1.30
CA LEU B 236 13.21 -13.47 -1.35
C LEU B 236 13.25 -12.89 0.05
N GLN B 237 12.20 -13.16 0.83
CA GLN B 237 12.17 -12.61 2.18
C GLN B 237 13.30 -13.26 2.95
N ALA B 238 13.48 -14.56 2.72
CA ALA B 238 14.51 -15.29 3.43
C ALA B 238 15.84 -14.70 3.02
N GLN B 239 15.96 -14.44 1.73
CA GLN B 239 17.22 -14.01 1.21
C GLN B 239 17.50 -12.63 1.75
N GLN B 240 16.45 -11.85 1.94
CA GLN B 240 16.63 -10.49 2.41
C GLN B 240 17.24 -10.55 3.78
N ILE B 241 16.74 -11.48 4.59
CA ILE B 241 17.21 -11.60 5.95
C ILE B 241 18.65 -12.02 5.85
N ASP B 242 18.90 -12.97 4.96
CA ASP B 242 20.23 -13.52 4.82
C ASP B 242 21.14 -12.42 4.35
N ALA B 243 20.61 -11.52 3.53
CA ALA B 243 21.43 -10.48 2.94
C ALA B 243 21.80 -9.44 3.97
N TRP B 244 20.91 -9.26 4.95
CA TRP B 244 21.23 -8.38 6.07
C TRP B 244 22.30 -9.03 6.93
N LEU B 245 22.26 -10.36 7.03
CA LEU B 245 23.22 -11.05 7.86
C LEU B 245 24.63 -10.91 7.31
N ASP B 246 24.78 -11.15 6.01
CA ASP B 246 26.08 -11.09 5.36
C ASP B 246 26.62 -9.68 5.26
N ALA B 247 25.72 -8.70 5.09
CA ALA B 247 26.13 -7.30 5.02
C ALA B 247 26.58 -6.81 6.39
N GLY B 248 26.53 -7.71 7.36
CA GLY B 248 26.99 -7.46 8.71
C GLY B 248 26.33 -6.33 9.44
N LYS B 249 25.04 -6.08 9.18
CA LYS B 249 24.34 -5.02 9.89
C LYS B 249 23.79 -5.50 11.23
N SER B 250 23.76 -4.57 12.18
CA SER B 250 23.27 -4.81 13.54
C SER B 250 21.77 -5.05 13.67
N THR B 251 21.40 -5.75 14.74
CA THR B 251 20.01 -6.01 15.07
C THR B 251 19.27 -4.71 15.34
N ASP B 252 20.01 -3.72 15.83
CA ASP B 252 19.46 -2.39 16.07
C ASP B 252 19.22 -1.71 14.74
N GLU B 253 20.13 -1.92 13.80
CA GLU B 253 20.00 -1.35 12.47
C GLU B 253 18.80 -1.92 11.73
N VAL B 254 18.68 -3.24 11.68
CA VAL B 254 17.49 -3.88 11.10
C VAL B 254 16.21 -3.46 11.83
N PHE B 255 16.37 -3.07 13.09
CA PHE B 255 15.22 -2.62 13.88
C PHE B 255 14.75 -1.25 13.40
N ASN B 256 15.66 -0.28 13.38
CA ASN B 256 15.34 1.08 12.93
C ASN B 256 14.90 1.08 11.48
N LEU B 257 15.65 0.35 10.66
CA LEU B 257 15.37 0.14 9.25
C LEU B 257 13.92 -0.23 8.97
N LEU B 258 13.41 -1.22 9.70
CA LEU B 258 12.05 -1.70 9.54
C LEU B 258 11.00 -0.79 10.18
N LYS B 259 11.40 0.43 10.52
CA LYS B 259 10.47 1.51 10.88
C LYS B 259 9.80 1.29 12.23
N LEU B 260 10.48 0.55 13.10
CA LEU B 260 9.88 0.14 14.36
C LEU B 260 9.99 1.10 15.55
N GLN B 261 10.70 2.22 15.42
CA GLN B 261 10.73 3.17 16.54
C GLN B 261 9.42 3.90 16.81
N ARG B 262 8.75 4.39 15.79
CA ARG B 262 7.54 5.15 16.09
C ARG B 262 6.35 4.14 16.10
N THR B 263 6.64 2.85 16.11
CA THR B 263 5.59 1.95 16.52
C THR B 263 5.68 2.23 18.01
N GLY B 264 4.53 2.24 18.68
CA GLY B 264 4.53 2.56 20.08
C GLY B 264 4.12 1.35 20.85
N ASP B 265 3.01 1.50 21.55
CA ASP B 265 2.33 0.38 22.16
C ASP B 265 1.74 -0.54 21.10
N LYS B 266 2.06 -0.26 19.83
CA LYS B 266 1.56 -1.02 18.69
C LYS B 266 2.65 -1.79 17.93
N LEU B 267 3.73 -2.13 18.64
CA LEU B 267 4.85 -2.86 18.05
C LEU B 267 4.45 -4.23 17.48
N PHE B 268 3.88 -5.08 18.32
CA PHE B 268 3.51 -6.43 17.91
C PHE B 268 2.38 -6.46 16.88
N LYS B 269 1.93 -5.31 16.43
CA LYS B 269 0.85 -5.27 15.45
C LYS B 269 1.38 -5.10 14.04
N ASN B 270 2.63 -4.67 13.92
CA ASN B 270 3.27 -4.57 12.62
C ASN B 270 3.96 -5.89 12.32
N SER B 271 3.59 -6.54 11.22
CA SER B 271 4.10 -7.87 10.93
C SER B 271 5.62 -7.90 10.72
N GLN B 272 6.21 -6.76 10.35
CA GLN B 272 7.65 -6.71 10.10
C GLN B 272 8.41 -6.95 11.39
N PHE B 273 7.70 -6.87 12.51
CA PHE B 273 8.32 -7.14 13.80
C PHE B 273 8.81 -8.57 13.82
N LEU B 274 8.01 -9.47 13.24
CA LEU B 274 8.39 -10.87 13.22
C LEU B 274 9.63 -11.02 12.37
N THR B 275 9.71 -10.21 11.32
CA THR B 275 10.86 -10.26 10.45
C THR B 275 12.10 -9.91 11.25
N TRP B 276 11.98 -8.94 12.14
CA TRP B 276 13.15 -8.57 12.94
C TRP B 276 13.45 -9.64 13.97
N VAL B 277 12.40 -10.27 14.49
CA VAL B 277 12.60 -11.33 15.48
C VAL B 277 13.33 -12.49 14.85
N SER B 278 12.78 -12.94 13.73
CA SER B 278 13.41 -13.94 12.89
C SER B 278 14.86 -13.57 12.60
N TYR B 279 15.16 -12.28 12.49
CA TYR B 279 16.53 -11.86 12.21
C TYR B 279 17.43 -12.15 13.40
N VAL B 280 17.02 -11.76 14.59
CA VAL B 280 17.93 -11.86 15.73
C VAL B 280 18.19 -13.33 16.05
N GLU B 281 17.23 -14.20 15.74
CA GLU B 281 17.37 -15.61 16.03
C GLU B 281 18.32 -16.28 15.05
N LYS B 282 18.51 -15.64 13.90
CA LYS B 282 19.51 -16.09 12.97
C LYS B 282 20.82 -15.39 13.29
N PHE B 283 20.71 -14.23 13.92
CA PHE B 283 21.89 -13.43 14.23
C PHE B 283 22.68 -13.98 15.40
N ASN B 284 21.98 -14.40 16.46
CA ASN B 284 22.64 -14.92 17.65
C ASN B 284 23.29 -16.27 17.37
N LYS B 285 22.56 -17.12 16.64
CA LYS B 285 23.06 -18.42 16.21
C LYS B 285 24.09 -18.29 15.09
N ALA B 293 19.85 -10.58 23.29
CA ALA B 293 18.69 -10.71 24.16
C ALA B 293 17.59 -9.74 23.75
N ILE B 294 16.48 -10.30 23.26
CA ILE B 294 15.41 -9.49 22.69
C ILE B 294 14.51 -8.82 23.74
N PHE B 295 14.24 -9.52 24.84
CA PHE B 295 13.45 -8.91 25.91
C PHE B 295 14.19 -7.73 26.54
N SER B 296 15.52 -7.80 26.62
CA SER B 296 16.27 -6.73 27.25
C SER B 296 16.19 -5.48 26.39
N LYS B 297 16.13 -5.68 25.08
CA LYS B 297 15.99 -4.55 24.18
C LYS B 297 14.63 -3.93 24.41
N LEU B 298 13.59 -4.76 24.30
CA LEU B 298 12.24 -4.27 24.55
C LEU B 298 12.09 -3.56 25.91
N ALA B 299 12.78 -4.06 26.92
CA ALA B 299 12.77 -3.49 28.28
C ALA B 299 13.51 -2.17 28.36
N GLY B 300 14.46 -1.94 27.46
CA GLY B 300 15.18 -0.69 27.46
C GLY B 300 14.44 0.43 26.72
N VAL B 301 13.38 0.08 26.01
CA VAL B 301 12.65 1.07 25.21
C VAL B 301 11.19 1.22 25.68
N TYR B 302 10.73 0.34 26.56
CA TYR B 302 9.38 0.46 27.13
C TYR B 302 9.41 0.36 28.65
N ASP B 303 8.41 0.98 29.29
CA ASP B 303 8.15 0.71 30.71
C ASP B 303 7.70 -0.74 30.84
N GLN B 304 7.70 -1.27 32.05
CA GLN B 304 7.30 -2.67 32.23
C GLN B 304 5.80 -2.92 32.15
N VAL B 305 5.00 -1.88 32.37
CA VAL B 305 3.56 -2.07 32.43
C VAL B 305 2.97 -2.09 31.00
N THR B 306 3.35 -1.13 30.16
CA THR B 306 2.85 -1.13 28.79
C THR B 306 3.40 -2.37 28.10
N LEU B 307 4.65 -2.72 28.36
CA LEU B 307 5.24 -3.92 27.80
C LEU B 307 4.44 -5.17 28.20
N SER B 308 4.05 -5.23 29.48
CA SER B 308 3.24 -6.33 29.97
C SER B 308 1.90 -6.42 29.23
N SER B 309 1.26 -5.27 29.05
CA SER B 309 -0.05 -5.22 28.40
C SER B 309 0.07 -5.66 26.94
N LEU B 311 2.40 -7.51 25.55
CA LEU B 311 2.69 -8.94 25.45
C LEU B 311 1.44 -9.78 25.64
N GLU B 312 0.64 -9.42 26.66
CA GLU B 312 -0.53 -10.21 26.98
C GLU B 312 -1.56 -10.11 25.86
N ALA B 313 -1.60 -8.95 25.20
CA ALA B 313 -2.46 -8.77 24.03
C ALA B 313 -1.95 -9.60 22.85
N ALA B 314 -0.65 -9.49 22.61
CA ALA B 314 0.02 -10.16 21.50
C ALA B 314 -0.16 -11.66 21.57
N LYS B 315 -0.32 -12.19 22.78
CA LYS B 315 -0.54 -13.63 22.97
C LYS B 315 -1.83 -14.16 22.35
N HIS B 316 -2.70 -13.26 21.88
CA HIS B 316 -4.02 -13.67 21.38
C HIS B 316 -4.15 -13.49 19.86
N VAL B 317 -3.07 -13.04 19.22
CA VAL B 317 -2.95 -13.04 17.77
C VAL B 317 -2.02 -14.19 17.38
N PRO B 318 -2.49 -15.14 16.55
CA PRO B 318 -1.76 -16.38 16.24
C PRO B 318 -0.33 -16.14 15.71
N SER B 319 -0.16 -15.15 14.84
CA SER B 319 1.15 -14.78 14.33
C SER B 319 2.14 -14.45 15.44
N THR B 320 1.73 -13.58 16.36
CA THR B 320 2.65 -13.09 17.39
C THR B 320 2.51 -13.90 18.66
N LYS B 321 1.49 -14.74 18.74
CA LYS B 321 1.42 -15.75 19.77
C LYS B 321 2.72 -16.58 19.74
N ARG B 322 3.07 -17.15 20.88
CA ARG B 322 4.27 -18.00 21.06
C ARG B 322 5.58 -17.21 21.15
N ILE B 323 5.72 -16.09 20.44
CA ILE B 323 6.86 -15.22 20.72
C ILE B 323 6.50 -14.32 21.90
N ALA B 324 5.21 -14.01 21.99
CA ALA B 324 4.68 -13.21 23.08
C ALA B 324 4.62 -14.06 24.35
N SER B 325 4.20 -15.31 24.20
CA SER B 325 4.21 -16.27 25.29
C SER B 325 5.60 -16.38 25.89
N TYR B 326 6.59 -16.59 25.02
CA TYR B 326 7.98 -16.75 25.43
C TYR B 326 8.52 -15.48 26.09
N LEU B 327 8.20 -14.33 25.51
CA LEU B 327 8.73 -13.06 26.01
C LEU B 327 8.09 -12.69 27.35
N GLN B 328 6.82 -13.06 27.52
CA GLN B 328 6.12 -12.87 28.78
C GLN B 328 6.74 -13.79 29.82
N GLY B 329 7.14 -14.98 29.37
CA GLY B 329 7.91 -15.88 30.21
C GLY B 329 9.17 -15.20 30.71
N GLN B 330 9.89 -14.55 29.81
CA GLN B 330 11.09 -13.79 30.17
C GLN B 330 10.80 -12.67 31.17
N GLN B 331 9.67 -11.99 30.99
CA GLN B 331 9.29 -10.92 31.91
C GLN B 331 9.06 -11.49 33.29
N ASN B 332 8.19 -12.50 33.38
CA ASN B 332 8.05 -13.32 34.59
C ASN B 332 9.37 -13.65 35.27
N GLN B 333 10.25 -14.36 34.58
CA GLN B 333 11.52 -14.80 35.18
C GLN B 333 12.38 -13.66 35.66
N HIS B 334 12.39 -12.59 34.88
CA HIS B 334 13.16 -11.44 35.29
C HIS B 334 12.52 -10.80 36.50
N TRP B 335 11.19 -10.83 36.57
CA TRP B 335 10.40 -10.39 37.74
C TRP B 335 10.63 -11.22 39.01
N LEU B 336 10.91 -12.51 38.86
CA LEU B 336 11.19 -13.37 40.01
C LEU B 336 12.65 -13.25 40.49
N ALA B 337 13.57 -13.03 39.55
CA ALA B 337 15.00 -13.01 39.89
C ALA B 337 15.46 -11.75 40.63
N ASP B 338 14.68 -10.68 40.54
CA ASP B 338 14.94 -9.42 41.24
C ASP B 338 14.37 -9.49 42.65
N GLY B 339 13.43 -10.41 42.86
CA GLY B 339 12.75 -10.59 44.11
C GLY B 339 11.35 -10.04 44.25
N LYS B 340 10.74 -9.52 43.19
CA LYS B 340 9.36 -9.04 43.31
C LYS B 340 8.42 -10.17 43.67
N SER B 341 7.43 -9.87 44.51
CA SER B 341 6.40 -10.83 44.88
C SER B 341 5.11 -10.41 44.17
N THR B 342 4.12 -11.29 44.21
CA THR B 342 2.85 -11.09 43.54
C THR B 342 2.17 -9.73 43.80
N ASP B 343 2.42 -9.15 44.97
CA ASP B 343 1.80 -7.87 45.31
C ASP B 343 2.57 -6.70 44.71
N ASP B 344 3.89 -6.85 44.61
CA ASP B 344 4.71 -5.86 43.95
C ASP B 344 4.25 -5.71 42.51
N ILE B 345 3.99 -6.85 41.88
CA ILE B 345 3.62 -6.88 40.48
C ILE B 345 2.19 -6.39 40.30
N PHE B 346 1.32 -6.81 41.21
CA PHE B 346 -0.06 -6.36 41.24
C PHE B 346 -0.14 -4.83 41.28
N LYS B 347 0.63 -4.24 42.16
CA LYS B 347 0.67 -2.78 42.31
C LYS B 347 1.31 -2.14 41.07
N LEU B 348 2.46 -2.67 40.68
CA LEU B 348 3.13 -2.31 39.43
C LEU B 348 2.16 -2.22 38.26
N LEU B 349 1.41 -3.30 38.03
CA LEU B 349 0.47 -3.38 36.91
C LEU B 349 -0.81 -2.57 37.11
N LYS B 350 -0.80 -1.62 38.05
CA LYS B 350 -1.92 -0.71 38.27
C LYS B 350 -3.21 -1.46 38.64
N LEU B 351 -3.05 -2.65 39.20
CA LEU B 351 -4.18 -3.50 39.51
C LEU B 351 -4.75 -3.24 40.90
N ASN B 352 -4.07 -2.39 41.66
CA ASN B 352 -4.43 -2.16 43.05
C ASN B 352 -5.56 -1.14 43.25
N THR B 353 -5.99 -0.51 42.17
CA THR B 353 -7.17 0.35 42.20
C THR B 353 -8.41 -0.39 41.66
N PRO B 354 -9.56 -0.22 42.34
CA PRO B 354 -10.78 -1.01 42.10
C PRO B 354 -11.54 -0.64 40.83
N SER B 355 -10.85 -0.17 39.78
CA SER B 355 -11.47 0.03 38.48
C SER B 355 -12.20 -1.22 38.00
N PRO B 356 -13.42 -1.06 37.50
CA PRO B 356 -14.16 -2.23 37.00
C PRO B 356 -13.60 -2.67 35.66
N GLU B 357 -12.91 -1.75 34.99
CA GLU B 357 -12.25 -2.03 33.72
C GLU B 357 -11.14 -3.06 33.89
N ASN B 358 -10.78 -3.36 35.13
CA ASN B 358 -9.81 -4.41 35.40
C ASN B 358 -10.41 -5.79 35.24
N LEU B 359 -11.67 -5.86 34.86
CA LEU B 359 -12.32 -7.15 34.67
C LEU B 359 -12.26 -7.65 33.22
N ILE B 360 -11.92 -6.75 32.30
CA ILE B 360 -11.71 -7.14 30.91
C ILE B 360 -10.30 -6.81 30.50
N ASP B 361 -9.53 -6.39 31.50
CA ASP B 361 -8.16 -5.97 31.28
C ASP B 361 -7.24 -7.15 30.98
N PRO B 362 -6.33 -6.96 30.02
CA PRO B 362 -5.24 -7.91 29.77
C PRO B 362 -4.22 -7.95 30.93
N ARG B 363 -4.11 -6.84 31.64
CA ARG B 363 -3.18 -6.75 32.77
C ARG B 363 -3.48 -7.78 33.86
N LEU B 364 -4.75 -8.10 34.06
CA LEU B 364 -5.15 -9.08 35.08
C LEU B 364 -4.60 -10.45 34.71
N ASP B 365 -4.63 -10.75 33.42
CA ASP B 365 -4.13 -12.01 32.89
C ASP B 365 -2.60 -12.06 32.94
N ALA B 366 -1.94 -10.94 32.66
CA ALA B 366 -0.49 -10.88 32.83
C ALA B 366 -0.13 -11.17 34.29
N TRP B 367 -0.99 -10.68 35.18
CA TRP B 367 -0.74 -10.86 36.61
C TRP B 367 -0.91 -12.33 36.97
N THR B 368 -1.99 -12.98 36.51
CA THR B 368 -2.19 -14.40 36.82
C THR B 368 -1.08 -15.26 36.24
N SER B 369 -0.50 -14.80 35.13
CA SER B 369 0.69 -15.45 34.59
C SER B 369 1.83 -15.38 35.61
N PHE B 370 2.11 -14.17 36.10
CA PHE B 370 3.20 -14.04 37.06
C PHE B 370 2.90 -14.81 38.34
N ARG B 372 1.15 -17.71 38.63
CA ARG B 372 1.50 -19.09 38.40
C ARG B 372 3.01 -19.30 38.52
N ALA B 373 3.76 -18.32 38.01
CA ALA B 373 5.21 -18.47 38.01
C ALA B 373 5.80 -18.37 39.41
N PHE B 374 5.38 -17.35 40.16
CA PHE B 374 5.80 -17.16 41.54
C PHE B 374 5.43 -18.36 42.39
N ASN B 375 4.20 -18.84 42.21
CA ASN B 375 3.69 -19.95 43.01
C ASN B 375 4.47 -21.23 42.78
N ALA B 377 7.53 -21.37 42.02
CA ALA B 377 8.88 -21.17 42.55
C ALA B 377 8.80 -21.12 44.07
N ASN B 378 8.19 -20.07 44.59
CA ASN B 378 8.07 -19.88 46.03
C ASN B 378 6.88 -20.68 46.56
N GLU B 379 7.15 -21.97 46.68
CA GLU B 379 6.21 -23.02 47.07
C GLU B 379 5.97 -23.13 48.57
N GLY B 380 4.71 -23.31 48.97
CA GLY B 380 4.35 -23.25 50.37
C GLY B 380 3.77 -21.88 50.71
N LYS B 381 4.40 -20.84 50.15
CA LYS B 381 4.01 -19.45 50.40
C LYS B 381 3.20 -18.95 49.21
N GLU B 382 2.27 -19.77 48.74
CA GLU B 382 1.56 -19.56 47.49
C GLU B 382 0.36 -18.61 47.59
N THR B 383 0.33 -17.61 46.73
CA THR B 383 -0.69 -16.56 46.76
C THR B 383 -1.96 -17.00 46.01
N THR B 384 -3.03 -16.20 46.14
CA THR B 384 -4.31 -16.48 45.52
C THR B 384 -4.89 -15.20 44.87
N LEU B 385 -5.78 -15.36 43.89
CA LEU B 385 -6.40 -14.21 43.24
C LEU B 385 -7.37 -13.44 44.13
N ILE B 386 -8.34 -14.15 44.70
CA ILE B 386 -9.33 -13.55 45.59
C ILE B 386 -8.66 -13.00 46.85
N ALA B 387 -7.53 -13.59 47.22
CA ALA B 387 -6.75 -13.13 48.36
C ALA B 387 -6.16 -11.75 48.06
N THR B 388 -5.56 -11.63 46.88
CA THR B 388 -4.90 -10.39 46.47
C THR B 388 -5.94 -9.28 46.26
N LEU B 389 -7.10 -9.68 45.73
CA LEU B 389 -8.18 -8.72 45.50
C LEU B 389 -8.78 -8.28 46.84
N THR B 390 -8.76 -9.18 47.81
CA THR B 390 -9.27 -8.86 49.14
C THR B 390 -8.30 -7.93 49.87
N THR B 391 -7.01 -8.14 49.63
CA THR B 391 -5.95 -7.37 50.26
C THR B 391 -5.88 -5.94 49.74
N HIS B 392 -6.01 -5.76 48.43
CA HIS B 392 -5.73 -4.45 47.84
C HIS B 392 -6.97 -3.57 47.80
N TYR B 393 -8.03 -4.07 47.17
CA TYR B 393 -9.37 -3.54 47.41
C TYR B 393 -9.66 -4.03 48.82
N LYS B 394 -10.79 -3.69 49.40
CA LYS B 394 -11.06 -4.34 50.68
C LYS B 394 -12.21 -5.31 50.51
N ASP B 395 -12.58 -6.03 51.57
CA ASP B 395 -13.75 -6.90 51.53
C ASP B 395 -14.96 -6.16 50.96
N ARG B 396 -15.27 -5.04 51.59
CA ARG B 396 -16.37 -4.20 51.16
C ARG B 396 -16.11 -3.71 49.73
N GLY B 397 -14.91 -3.19 49.50
CA GLY B 397 -14.51 -2.67 48.20
C GLY B 397 -14.67 -3.69 47.10
N LEU B 398 -14.06 -4.86 47.30
CA LEU B 398 -14.12 -5.92 46.31
C LEU B 398 -15.56 -6.40 46.11
N ALA B 399 -16.35 -6.38 47.17
CA ALA B 399 -17.75 -6.79 47.06
C ALA B 399 -18.56 -5.86 46.15
N GLN B 400 -18.45 -4.55 46.36
CA GLN B 400 -19.19 -3.65 45.48
C GLN B 400 -18.64 -3.77 44.07
N LEU B 401 -17.32 -3.80 43.95
CA LEU B 401 -16.69 -4.00 42.64
C LEU B 401 -17.30 -5.13 41.83
N LEU B 402 -17.27 -6.34 42.38
CA LEU B 402 -17.82 -7.48 41.66
C LEU B 402 -19.31 -7.32 41.40
N GLN B 403 -20.04 -6.79 42.39
CA GLN B 403 -21.48 -6.69 42.24
C GLN B 403 -21.86 -5.77 41.10
N GLU B 404 -21.18 -4.63 41.01
CA GLU B 404 -21.33 -3.70 39.92
C GLU B 404 -20.94 -4.37 38.60
N GLY B 405 -19.82 -5.10 38.64
CA GLY B 405 -19.38 -5.88 37.49
C GLY B 405 -20.41 -6.84 36.92
N THR B 406 -21.26 -7.41 37.78
CA THR B 406 -22.23 -8.40 37.32
C THR B 406 -23.34 -7.86 36.40
N LYS B 407 -23.50 -6.54 36.36
CA LYS B 407 -24.59 -5.94 35.59
C LYS B 407 -24.26 -5.82 34.11
N PHE B 408 -23.06 -5.32 33.82
CA PHE B 408 -22.64 -5.15 32.44
C PHE B 408 -22.35 -6.48 31.77
N ALA B 409 -22.87 -6.66 30.56
CA ALA B 409 -22.60 -7.85 29.77
C ALA B 409 -21.09 -7.96 29.56
N SER B 410 -20.48 -6.80 29.41
CA SER B 410 -19.05 -6.66 29.27
C SER B 410 -18.22 -7.39 30.32
N THR B 411 -18.67 -7.48 31.58
CA THR B 411 -17.79 -7.98 32.66
C THR B 411 -18.43 -8.98 33.63
N LYS B 412 -19.59 -9.48 33.26
CA LYS B 412 -20.40 -10.24 34.20
C LYS B 412 -19.88 -11.67 34.35
N LYS B 413 -19.11 -12.16 33.37
CA LYS B 413 -18.63 -13.52 33.46
C LYS B 413 -17.66 -13.52 34.65
N ILE B 414 -16.64 -12.70 34.47
CA ILE B 414 -15.53 -12.55 35.38
C ILE B 414 -16.06 -12.15 36.76
N ALA B 415 -16.98 -11.20 36.75
CA ALA B 415 -17.56 -10.67 37.98
C ALA B 415 -18.33 -11.72 38.76
N GLU B 416 -19.07 -12.58 38.05
CA GLU B 416 -19.83 -13.63 38.73
C GLU B 416 -18.92 -14.73 39.26
N GLU B 417 -17.96 -15.16 38.45
CA GLU B 417 -17.02 -16.18 38.88
C GLU B 417 -16.23 -15.71 40.11
N LEU B 418 -15.86 -14.43 40.08
CA LEU B 418 -15.10 -13.84 41.18
C LEU B 418 -16.01 -13.71 42.38
N GLN B 419 -17.28 -13.41 42.12
CA GLN B 419 -18.24 -13.21 43.20
C GLN B 419 -18.40 -14.48 43.99
N THR B 420 -18.71 -15.58 43.30
CA THR B 420 -18.86 -16.85 44.00
C THR B 420 -17.54 -17.25 44.62
N ALA B 421 -16.42 -16.80 44.06
CA ALA B 421 -15.13 -17.05 44.71
C ALA B 421 -15.05 -16.37 46.08
N GLN B 422 -15.46 -15.10 46.12
CA GLN B 422 -15.44 -14.29 47.34
C GLN B 422 -16.41 -14.83 48.38
N PHE B 423 -17.56 -15.29 47.90
CA PHE B 423 -18.55 -15.94 48.75
C PHE B 423 -17.96 -17.18 49.37
N ALA B 424 -17.32 -18.01 48.54
CA ALA B 424 -16.75 -19.26 49.00
C ALA B 424 -15.67 -19.01 50.05
N ARG B 425 -14.86 -17.97 49.83
CA ARG B 425 -13.80 -17.67 50.79
C ARG B 425 -14.45 -17.19 52.09
N TRP B 426 -15.55 -16.45 51.96
CA TRP B 426 -16.27 -15.99 53.13
C TRP B 426 -16.77 -17.21 53.93
N LEU B 427 -17.35 -18.17 53.23
CA LEU B 427 -17.87 -19.39 53.84
C LEU B 427 -16.79 -20.17 54.57
N GLN B 428 -15.65 -20.33 53.91
CA GLN B 428 -14.52 -21.08 54.49
C GLN B 428 -14.03 -20.42 55.77
N LEU B 429 -14.03 -19.09 55.79
CA LEU B 429 -13.63 -18.34 56.97
C LEU B 429 -14.68 -18.38 58.10
N GLY B 430 -15.87 -18.90 57.78
CA GLY B 430 -16.90 -19.05 58.78
C GLY B 430 -17.65 -17.75 59.04
N LYS B 431 -17.63 -16.86 58.05
CA LYS B 431 -18.33 -15.58 58.15
C LYS B 431 -19.84 -15.79 58.14
N THR B 432 -20.52 -15.27 59.16
CA THR B 432 -21.96 -15.47 59.29
C THR B 432 -22.73 -14.31 58.66
N GLU B 433 -24.02 -14.54 58.41
CA GLU B 433 -24.91 -13.51 57.87
C GLU B 433 -24.69 -12.15 58.51
N ASP B 434 -24.64 -12.14 59.84
CA ASP B 434 -24.55 -10.89 60.59
C ASP B 434 -23.13 -10.33 60.53
N ASP B 435 -22.18 -11.16 60.11
CA ASP B 435 -20.80 -10.72 59.98
C ASP B 435 -20.60 -9.90 58.72
N ILE B 436 -21.06 -10.42 57.60
CA ILE B 436 -20.89 -9.67 56.36
C ILE B 436 -21.86 -8.49 56.38
N PHE B 437 -23.07 -8.68 56.92
CA PHE B 437 -23.95 -7.53 57.15
C PHE B 437 -23.19 -6.45 57.92
N ALA B 438 -22.54 -6.84 59.01
CA ALA B 438 -21.75 -5.90 59.80
C ALA B 438 -20.70 -5.15 58.98
N LEU B 439 -19.88 -5.88 58.22
CA LEU B 439 -18.76 -5.23 57.52
C LEU B 439 -19.10 -4.73 56.10
N LEU B 440 -20.32 -4.99 55.63
CA LEU B 440 -20.83 -4.31 54.44
C LEU B 440 -21.42 -2.97 54.83
N LYS B 441 -21.32 -2.67 56.12
CA LYS B 441 -21.77 -1.40 56.69
C LYS B 441 -23.21 -1.05 56.29
N LEU B 442 -24.06 -2.08 56.24
CA LEU B 442 -25.45 -1.91 55.88
C LEU B 442 -26.25 -1.32 57.04
N LYS B 443 -27.35 -0.64 56.73
CA LYS B 443 -28.27 -0.12 57.74
C LYS B 443 -29.67 -0.69 57.52
N LEU B 444 -30.57 -0.39 58.46
CA LEU B 444 -31.95 -0.83 58.34
C LEU B 444 -32.64 -0.15 57.18
N THR B 445 -32.35 1.14 57.05
CA THR B 445 -32.97 1.99 56.05
C THR B 445 -32.19 2.00 54.73
N THR B 446 -31.24 1.08 54.59
CA THR B 446 -30.51 0.92 53.33
C THR B 446 -31.42 0.39 52.21
N PRO B 447 -31.44 1.09 51.07
CA PRO B 447 -32.19 0.61 49.90
C PRO B 447 -31.69 -0.77 49.46
N THR B 448 -32.63 -1.64 49.07
CA THR B 448 -32.32 -2.99 48.63
C THR B 448 -31.49 -3.00 47.34
N THR B 449 -31.53 -1.89 46.60
CA THR B 449 -30.93 -1.81 45.28
C THR B 449 -29.46 -1.42 45.29
N ASP B 450 -28.99 -0.94 46.44
CA ASP B 450 -27.57 -0.66 46.63
C ASP B 450 -26.76 -1.92 46.33
N PRO B 451 -25.56 -1.74 45.75
CA PRO B 451 -24.64 -2.84 45.46
C PRO B 451 -24.47 -3.80 46.64
N GLU B 452 -24.01 -3.28 47.76
CA GLU B 452 -23.75 -4.08 48.95
C GLU B 452 -25.02 -4.76 49.47
N ALA B 453 -26.13 -4.03 49.43
CA ALA B 453 -27.41 -4.55 49.90
C ALA B 453 -27.91 -5.72 49.04
N ILE B 454 -27.40 -5.81 47.82
CA ILE B 454 -27.65 -6.97 46.97
C ILE B 454 -26.65 -8.07 47.32
N VAL B 455 -25.38 -7.70 47.38
CA VAL B 455 -24.31 -8.63 47.74
C VAL B 455 -24.66 -9.47 48.96
N PHE B 456 -25.05 -8.81 50.04
CA PHE B 456 -25.44 -9.48 51.28
C PHE B 456 -26.48 -10.57 51.02
N TYR B 457 -27.52 -10.20 50.30
CA TYR B 457 -28.59 -11.13 49.94
C TYR B 457 -28.04 -12.31 49.15
N GLN B 458 -27.21 -12.01 48.15
CA GLN B 458 -26.63 -13.03 47.28
C GLN B 458 -25.78 -14.01 48.07
N TYR B 459 -25.07 -13.49 49.05
CA TYR B 459 -24.26 -14.31 49.93
C TYR B 459 -25.12 -15.22 50.79
N LYS B 460 -26.21 -14.69 51.35
CA LYS B 460 -27.04 -15.54 52.19
C LYS B 460 -27.71 -16.63 51.34
N LEU B 461 -28.15 -16.30 50.13
CA LEU B 461 -28.69 -17.31 49.22
C LEU B 461 -27.63 -18.37 48.90
N PHE B 462 -26.38 -17.92 48.75
CA PHE B 462 -25.25 -18.81 48.50
C PHE B 462 -25.04 -19.74 49.70
N ASP B 464 -27.32 -20.63 51.81
CA ASP B 464 -28.47 -21.51 51.98
C ASP B 464 -28.40 -22.74 51.08
N ALA B 465 -27.68 -22.63 49.97
CA ALA B 465 -27.53 -23.77 49.06
C ALA B 465 -26.22 -24.50 49.29
N HIS B 466 -25.51 -24.14 50.36
CA HIS B 466 -24.20 -24.71 50.64
C HIS B 466 -23.98 -25.05 52.10
N LYS B 468 -24.63 -27.72 53.88
CA LYS B 468 -24.02 -29.03 54.11
C LYS B 468 -22.52 -28.85 54.28
N LEU B 469 -21.90 -28.19 53.30
CA LEU B 469 -20.47 -27.90 53.35
C LEU B 469 -20.12 -26.96 54.51
N ALA B 470 -21.06 -26.09 54.88
CA ALA B 470 -20.85 -25.14 55.96
C ALA B 470 -20.67 -25.79 57.33
N ALA B 471 -20.99 -27.08 57.43
CA ALA B 471 -20.81 -27.85 58.66
C ALA B 471 -19.39 -27.77 59.20
N ALA B 472 -18.41 -27.72 58.30
CA ALA B 472 -17.00 -27.59 58.69
C ALA B 472 -16.71 -26.19 59.24
#